data_8W9M
#
_entry.id   8W9M
#
_cell.length_a   1.00
_cell.length_b   1.00
_cell.length_c   1.00
_cell.angle_alpha   90.00
_cell.angle_beta   90.00
_cell.angle_gamma   90.00
#
_symmetry.space_group_name_H-M   'P 1'
#
loop_
_entity.id
_entity.type
_entity.pdbx_description
1 polymer 'Nitrate transport permease protein'
2 polymer 'Nitrate transport ATP-binding protein'
3 polymer 'Nitrate transport ATP-binding protein'
4 non-polymer "ADENOSINE-5'-TRIPHOSPHATE"
5 non-polymer 'MAGNESIUM ION'
#
loop_
_entity_poly.entity_id
_entity_poly.type
_entity_poly.pdbx_seq_one_letter_code
_entity_poly.pdbx_strand_id
1 'polypeptide(L)'
;MTAVLGNRARVRKSQKAINNFLWKKVVPPLVALGIFLVIWQLLCLNPNFKLPGPIETFSETWDPFIINPFFDNGESDKGL
GWQILSSLGRVGLGFSLAAIAGIILGILIGVNPLVYNAVDPIFQVLRTVPPLAWLPISLAAFQQANPSAIFVIFITSIWP
ILLNTTVGVQQIPQDYINVAKVLRLKGVKYFFKIVFPATVPYIFTGLRIGIGLSWLAIVAAEMLVGGVGIGSFIWDAYNT
TTETNLSEIILALIYVGLVGLLLDRLVGFVASKVVADQK
;
B,A
2 'polypeptide(L)'
;MPTFVEIDHVDRIFDLPNGGRYIALKNIELKIKQGEFVSLIGHSGCGKSTLLNIIAGLDRASIGGVTLEGREIREPSPDR
MVVFQNYSLLPWLTVRENVALAVDEVYQGKSKGERRAIIEEHIDMVGLRLAANKRPSELSGGMKQRVAIARALATRPKLL
LLDQPFGALDALTRGSLQEQLMKICNEHQITCVMVTHDVDEALLLSDRVVMLTNGPEAHIGQILEVPISRPRQRLEVVKH
PSYYNLRNEIIYFLNQQKLAKKRQTQQASAPLGTAKAVIEIGFMPLTDSAPLIVAKEKGFFAKYGLDNVILNRANNWQAI
ATGVVTGKLDAAQMVAGMPIALTLGAGSQTPTPVINALNLSRNANAITFSKRLYNQGVRSLADLKAVIDSSPDQILTLGV
VHSASMQNLILRYWLAAGGIDPDRDVSLTVIPPTQMVSQLKAGNIDGYCAGEPWNYQAVHDDLGFVAATALEIWSGQPKK
VLGVREDWAQKYPETYLNLVKALIEACKYCDDLRNREEILEILCRPEYLDVNPAYVRSGFIDPYDRGDGTPPQQLTAYNQ
FYLNKTNYPNRTEILWMITQMARWGLTPFPKNWVEITERVCRTDIFGAAARDLGLLDIGEDDPIHLFDGKLFNPSEPIEY
LKSLEIRRQIRIEEVFISSGDYKDHDGDYKDHDIDYKDDDDK
;
C
3 'polypeptide(L)'
;MQIINRNNQTNLKPQKTDNFLVVEGVSKIYPTPEGPYTVLDGIDLKVREGEFVCLIGHSGCGKSTLLNMISGFNTPSEGV
VLLQDKPITEPGPDRMMVFQNYCLLPWLNVFENVYLAVDAVFPNKPQAEKRAIVREHLAMVGLTEAAEKKPSQISGGMKQ
RVAIARALSIRPQVLILDQPFGALDAITKEELQEELLQIWSDHQVTVLMITHDIDEALFLADRVVMMTNGPAAQIGEILD
IPFDRPRNRRRIMEDPKYYDLRNYALDFLFNRFAHNE
;
D
#
# COMPACT_ATOMS: atom_id res chain seq x y z
N PHE A 21 -28.60 -8.78 13.08
CA PHE A 21 -28.31 -10.17 12.74
C PHE A 21 -26.82 -10.38 12.48
N LEU A 22 -26.06 -10.63 13.53
CA LEU A 22 -24.64 -10.89 13.45
C LEU A 22 -24.40 -12.35 13.82
N TRP A 23 -24.54 -13.23 12.82
CA TRP A 23 -24.29 -14.66 13.01
C TRP A 23 -22.88 -15.06 12.61
N LYS A 24 -22.12 -14.17 11.99
CA LYS A 24 -20.74 -14.45 11.60
C LYS A 24 -19.74 -13.49 12.23
N LYS A 25 -20.16 -12.71 13.23
CA LYS A 25 -19.25 -11.80 13.92
C LYS A 25 -19.38 -11.84 15.44
N VAL A 26 -20.39 -12.53 15.98
CA VAL A 26 -20.56 -12.61 17.43
C VAL A 26 -20.58 -14.08 17.83
N VAL A 27 -21.01 -14.95 16.92
CA VAL A 27 -21.08 -16.38 17.18
C VAL A 27 -19.71 -17.04 17.03
N PRO A 28 -18.96 -16.78 15.95
CA PRO A 28 -17.62 -17.39 15.83
C PRO A 28 -16.71 -17.02 17.00
N PRO A 29 -16.76 -15.80 17.54
CA PRO A 29 -15.99 -15.55 18.79
C PRO A 29 -16.39 -16.47 19.92
N LEU A 30 -17.68 -16.78 20.06
CA LEU A 30 -18.10 -17.70 21.13
C LEU A 30 -17.77 -19.14 20.79
N VAL A 31 -17.90 -19.53 19.52
CA VAL A 31 -17.51 -20.88 19.12
C VAL A 31 -16.01 -21.07 19.30
N ALA A 32 -15.22 -20.07 18.87
CA ALA A 32 -13.78 -20.14 19.09
C ALA A 32 -13.44 -20.08 20.57
N LEU A 33 -14.28 -19.41 21.38
CA LEU A 33 -14.10 -19.43 22.82
C LEU A 33 -14.38 -20.81 23.41
N GLY A 34 -15.23 -21.61 22.77
CA GLY A 34 -15.43 -22.97 23.24
C GLY A 34 -14.15 -23.77 23.21
N ILE A 35 -13.41 -23.71 22.10
CA ILE A 35 -12.04 -24.20 22.09
C ILE A 35 -11.17 -23.26 22.92
N PHE A 36 -10.07 -23.81 23.44
CA PHE A 36 -9.16 -23.17 24.40
C PHE A 36 -9.82 -23.01 25.76
N LEU A 37 -11.09 -23.37 25.91
CA LEU A 37 -11.76 -23.44 27.19
C LEU A 37 -12.10 -24.87 27.61
N VAL A 38 -12.34 -25.76 26.65
CA VAL A 38 -12.53 -27.16 26.97
C VAL A 38 -11.22 -27.94 26.86
N ILE A 39 -10.40 -27.65 25.84
CA ILE A 39 -9.10 -28.31 25.74
C ILE A 39 -8.19 -27.88 26.88
N TRP A 40 -8.40 -26.66 27.39
CA TRP A 40 -7.70 -26.25 28.61
C TRP A 40 -8.08 -27.17 29.77
N GLN A 41 -9.35 -27.51 29.90
CA GLN A 41 -9.78 -28.45 30.93
C GLN A 41 -9.20 -29.85 30.67
N LEU A 42 -9.19 -30.30 29.41
CA LEU A 42 -8.64 -31.61 29.11
C LEU A 42 -7.13 -31.65 29.30
N LEU A 43 -6.46 -30.49 29.20
CA LEU A 43 -5.02 -30.44 29.43
C LEU A 43 -4.68 -30.76 30.87
N CYS A 44 -5.60 -30.50 31.81
CA CYS A 44 -5.37 -30.79 33.21
C CYS A 44 -5.55 -32.27 33.55
N LEU A 45 -6.04 -33.09 32.61
CA LEU A 45 -6.12 -34.52 32.86
C LEU A 45 -4.74 -35.14 33.03
N ASN A 46 -3.72 -34.52 32.47
CA ASN A 46 -2.35 -34.96 32.68
C ASN A 46 -1.96 -34.62 34.11
N PRO A 47 -1.50 -35.58 34.91
CA PRO A 47 -1.17 -35.27 36.31
C PRO A 47 -0.07 -34.22 36.46
N ASN A 48 0.88 -34.16 35.52
CA ASN A 48 1.97 -33.21 35.61
C ASN A 48 1.53 -31.77 35.35
N PHE A 49 0.34 -31.57 34.79
CA PHE A 49 -0.14 -30.23 34.45
C PHE A 49 -0.71 -29.58 35.71
N LYS A 50 0.10 -28.75 36.36
CA LYS A 50 -0.31 -28.10 37.61
C LYS A 50 -1.15 -26.85 37.40
N LEU A 51 -1.30 -26.37 36.17
CA LEU A 51 -2.11 -25.19 35.92
C LEU A 51 -3.58 -25.52 36.15
N PRO A 52 -4.30 -24.75 36.96
CA PRO A 52 -5.71 -25.06 37.22
C PRO A 52 -6.56 -24.90 35.97
N GLY A 53 -7.59 -25.74 35.88
CA GLY A 53 -8.51 -25.71 34.78
C GLY A 53 -9.57 -24.64 34.94
N PRO A 54 -10.41 -24.46 33.92
CA PRO A 54 -11.48 -23.46 34.02
C PRO A 54 -12.43 -23.70 35.18
N ILE A 55 -12.73 -24.96 35.48
CA ILE A 55 -13.62 -25.26 36.61
C ILE A 55 -12.94 -24.89 37.92
N GLU A 56 -11.69 -25.31 38.10
CA GLU A 56 -10.96 -25.00 39.32
C GLU A 56 -10.70 -23.49 39.44
N THR A 57 -10.31 -22.85 38.34
CA THR A 57 -9.99 -21.43 38.39
C THR A 57 -11.21 -20.59 38.72
N PHE A 58 -12.35 -20.90 38.11
CA PHE A 58 -13.56 -20.12 38.28
C PHE A 58 -14.36 -20.50 39.52
N SER A 59 -13.88 -21.48 40.30
CA SER A 59 -14.53 -21.85 41.55
C SER A 59 -13.72 -21.45 42.78
N GLU A 60 -12.39 -21.51 42.71
CA GLU A 60 -11.56 -21.12 43.84
C GLU A 60 -11.69 -19.63 44.13
N THR A 61 -11.70 -18.80 43.09
CA THR A 61 -11.85 -17.36 43.24
C THR A 61 -13.28 -16.88 43.09
N TRP A 62 -14.24 -17.81 42.98
CA TRP A 62 -15.63 -17.43 42.75
C TRP A 62 -16.20 -16.66 43.94
N ASP A 63 -16.02 -17.17 45.15
CA ASP A 63 -16.66 -16.59 46.32
C ASP A 63 -16.23 -15.16 46.62
N PRO A 64 -14.92 -14.84 46.72
CA PRO A 64 -14.56 -13.49 47.16
C PRO A 64 -14.49 -12.45 46.04
N PHE A 65 -14.23 -12.90 44.81
CA PHE A 65 -13.96 -11.99 43.70
C PHE A 65 -15.03 -12.01 42.62
N ILE A 66 -15.36 -13.19 42.08
CA ILE A 66 -16.32 -13.25 40.99
C ILE A 66 -17.72 -12.90 41.47
N ILE A 67 -18.04 -13.17 42.74
CA ILE A 67 -19.37 -12.85 43.26
C ILE A 67 -19.64 -11.36 43.15
N ASN A 68 -18.71 -10.53 43.62
CA ASN A 68 -18.86 -9.09 43.49
C ASN A 68 -17.53 -8.34 43.50
N PRO A 69 -17.28 -7.51 42.50
CA PRO A 69 -16.14 -6.58 42.58
C PRO A 69 -16.52 -5.32 43.33
N PHE A 70 -15.60 -4.35 43.35
CA PHE A 70 -15.84 -3.05 44.00
C PHE A 70 -16.20 -3.21 45.48
N PHE A 71 -15.38 -3.97 46.20
CA PHE A 71 -15.52 -4.11 47.64
C PHE A 71 -14.21 -3.73 48.32
N ASP A 72 -14.31 -3.02 49.44
CA ASP A 72 -13.16 -2.51 50.17
C ASP A 72 -13.07 -3.24 51.51
N ASN A 73 -11.90 -3.80 51.79
CA ASN A 73 -11.63 -4.48 53.05
C ASN A 73 -10.51 -3.80 53.84
N GLY A 74 -10.25 -2.54 53.54
CA GLY A 74 -9.19 -1.81 54.20
C GLY A 74 -7.83 -2.05 53.55
N GLU A 75 -6.85 -1.28 54.01
CA GLU A 75 -5.48 -1.35 53.52
C GLU A 75 -5.45 -1.17 52.01
N SER A 76 -5.19 -2.25 51.27
CA SER A 76 -5.17 -2.22 49.81
C SER A 76 -5.98 -3.35 49.20
N ASP A 77 -6.72 -4.11 50.00
CA ASP A 77 -7.55 -5.19 49.49
C ASP A 77 -8.83 -4.59 48.93
N LYS A 78 -8.82 -4.29 47.63
CA LYS A 78 -9.95 -3.64 46.96
C LYS A 78 -10.56 -4.59 45.92
N GLY A 79 -10.38 -5.89 46.12
CA GLY A 79 -10.97 -6.85 45.20
C GLY A 79 -10.30 -6.79 43.84
N LEU A 80 -11.11 -6.58 42.81
CA LEU A 80 -10.60 -6.43 41.45
C LEU A 80 -11.20 -5.24 40.71
N GLY A 81 -12.35 -4.73 41.11
CA GLY A 81 -12.95 -3.61 40.40
C GLY A 81 -12.10 -2.35 40.50
N TRP A 82 -11.63 -2.02 41.70
CA TRP A 82 -10.77 -0.86 41.86
C TRP A 82 -9.36 -1.13 41.34
N GLN A 83 -8.90 -2.38 41.44
CA GLN A 83 -7.55 -2.70 40.97
C GLN A 83 -7.43 -2.50 39.47
N ILE A 84 -8.43 -2.93 38.70
CA ILE A 84 -8.38 -2.73 37.26
C ILE A 84 -8.71 -1.29 36.89
N LEU A 85 -9.42 -0.57 37.74
CA LEU A 85 -9.74 0.83 37.45
C LEU A 85 -8.59 1.76 37.82
N SER A 86 -7.89 1.47 38.92
CA SER A 86 -6.75 2.30 39.30
C SER A 86 -5.63 2.19 38.27
N SER A 87 -5.36 0.98 37.78
CA SER A 87 -4.33 0.80 36.77
C SER A 87 -4.80 1.30 35.41
N LEU A 88 -6.11 1.37 35.20
CA LEU A 88 -6.64 1.88 33.93
C LEU A 88 -6.26 3.34 33.73
N GLY A 89 -6.34 4.14 34.80
CA GLY A 89 -5.92 5.53 34.71
C GLY A 89 -4.43 5.71 34.54
N ARG A 90 -3.63 4.71 34.91
CA ARG A 90 -2.19 4.78 34.72
C ARG A 90 -1.81 4.44 33.28
N VAL A 91 -2.35 3.33 32.75
CA VAL A 91 -2.07 2.97 31.37
C VAL A 91 -2.74 3.94 30.41
N GLY A 92 -3.90 4.50 30.80
CA GLY A 92 -4.57 5.46 29.93
C GLY A 92 -3.75 6.72 29.72
N LEU A 93 -3.18 7.25 30.80
CA LEU A 93 -2.31 8.42 30.68
C LEU A 93 -1.01 8.08 29.97
N GLY A 94 -0.44 6.91 30.26
CA GLY A 94 0.80 6.52 29.62
C GLY A 94 0.64 6.28 28.14
N PHE A 95 -0.44 5.60 27.75
CA PHE A 95 -0.67 5.32 26.33
C PHE A 95 -1.04 6.58 25.56
N SER A 96 -1.82 7.46 26.17
CA SER A 96 -2.23 8.69 25.48
C SER A 96 -1.03 9.57 25.15
N LEU A 97 -0.11 9.70 26.11
CA LEU A 97 1.11 10.47 25.86
C LEU A 97 1.97 9.79 24.80
N ALA A 98 2.07 8.45 24.86
CA ALA A 98 2.88 7.73 23.89
C ALA A 98 2.25 7.73 22.51
N ALA A 99 0.91 7.66 22.45
CA ALA A 99 0.23 7.71 21.15
C ALA A 99 0.44 9.05 20.47
N ILE A 100 0.33 10.15 21.23
CA ILE A 100 0.54 11.48 20.67
C ILE A 100 2.00 11.65 20.26
N ALA A 101 2.92 11.30 21.16
CA ALA A 101 4.34 11.45 20.86
C ALA A 101 4.78 10.53 19.74
N GLY A 102 4.30 9.29 19.74
CA GLY A 102 4.72 8.33 18.73
C GLY A 102 4.26 8.71 17.33
N ILE A 103 3.02 9.18 17.21
CA ILE A 103 2.48 9.54 15.89
C ILE A 103 3.20 10.77 15.34
N ILE A 104 3.35 11.80 16.17
CA ILE A 104 4.01 13.03 15.71
C ILE A 104 5.46 12.76 15.35
N LEU A 105 6.17 12.03 16.22
CA LEU A 105 7.57 11.70 15.92
C LEU A 105 7.67 10.81 14.70
N GLY A 106 6.78 9.82 14.56
CA GLY A 106 6.84 8.93 13.41
C GLY A 106 6.64 9.66 12.09
N ILE A 107 5.71 10.61 12.06
CA ILE A 107 5.49 11.39 10.85
C ILE A 107 6.72 12.26 10.56
N LEU A 108 7.29 12.89 11.60
CA LEU A 108 8.49 13.70 11.42
C LEU A 108 9.68 12.84 11.01
N ILE A 109 9.84 11.66 11.62
CA ILE A 109 10.91 10.76 11.23
C ILE A 109 10.67 10.14 9.85
N GLY A 110 9.42 9.85 9.51
CA GLY A 110 9.12 9.26 8.21
C GLY A 110 9.54 10.16 7.06
N VAL A 111 9.22 11.45 7.15
CA VAL A 111 9.74 12.44 6.22
C VAL A 111 11.15 12.80 6.65
N ASN A 112 11.89 13.50 5.79
CA ASN A 112 13.26 13.90 6.08
C ASN A 112 14.11 12.67 6.38
N PRO A 113 14.44 11.87 5.36
CA PRO A 113 15.19 10.63 5.64
C PRO A 113 16.53 10.85 6.31
N LEU A 114 17.12 12.04 6.18
CA LEU A 114 18.34 12.34 6.92
C LEU A 114 18.09 12.30 8.43
N VAL A 115 16.95 12.82 8.88
CA VAL A 115 16.62 12.77 10.30
C VAL A 115 16.40 11.33 10.75
N TYR A 116 15.74 10.52 9.92
CA TYR A 116 15.57 9.11 10.23
C TYR A 116 16.91 8.41 10.34
N ASN A 117 17.84 8.70 9.42
CA ASN A 117 19.19 8.17 9.53
C ASN A 117 19.95 8.78 10.70
N ALA A 118 19.57 9.97 11.15
CA ALA A 118 20.28 10.61 12.26
C ALA A 118 20.00 9.88 13.56
N VAL A 119 18.76 9.92 14.04
CA VAL A 119 18.41 9.09 15.19
C VAL A 119 17.79 7.78 14.72
N ASP A 120 18.61 6.91 14.14
CA ASP A 120 18.22 5.52 13.93
C ASP A 120 18.62 4.62 15.11
N PRO A 121 19.91 4.65 15.56
CA PRO A 121 20.33 3.66 16.56
C PRO A 121 19.89 3.99 17.98
N ILE A 122 19.90 5.26 18.36
CA ILE A 122 19.54 5.62 19.73
C ILE A 122 18.06 5.41 20.01
N PHE A 123 17.25 5.18 18.98
CA PHE A 123 15.89 4.71 19.17
C PHE A 123 15.82 3.20 19.23
N GLN A 124 16.71 2.51 18.52
CA GLN A 124 16.75 1.05 18.57
C GLN A 124 17.33 0.56 19.89
N VAL A 125 18.43 1.17 20.35
CA VAL A 125 19.04 0.75 21.61
C VAL A 125 18.18 1.13 22.81
N LEU A 126 17.33 2.15 22.67
CA LEU A 126 16.47 2.60 23.76
C LEU A 126 15.16 1.82 23.82
N ARG A 127 14.84 1.04 22.80
CA ARG A 127 13.58 0.30 22.76
C ARG A 127 13.73 -1.16 23.16
N THR A 128 14.95 -1.59 23.51
CA THR A 128 15.17 -2.94 24.02
C THR A 128 15.31 -2.96 25.54
N VAL A 129 15.06 -1.84 26.21
CA VAL A 129 15.21 -1.74 27.66
C VAL A 129 13.95 -2.32 28.29
N PRO A 130 14.06 -3.36 29.14
CA PRO A 130 12.87 -3.91 29.76
C PRO A 130 12.25 -2.92 30.73
N PRO A 131 10.93 -3.00 30.98
CA PRO A 131 10.33 -2.10 31.97
C PRO A 131 10.89 -2.28 33.36
N LEU A 132 11.31 -3.49 33.72
CA LEU A 132 11.95 -3.70 35.01
C LEU A 132 13.29 -2.99 35.08
N ALA A 133 14.00 -2.89 33.96
CA ALA A 133 15.23 -2.11 33.92
C ALA A 133 14.94 -0.61 33.92
N TRP A 134 13.77 -0.20 33.42
CA TRP A 134 13.37 1.19 33.50
C TRP A 134 12.98 1.60 34.92
N LEU A 135 12.70 0.63 35.79
CA LEU A 135 12.26 0.94 37.14
C LEU A 135 13.31 1.72 37.95
N PRO A 136 14.58 1.29 38.01
CA PRO A 136 15.55 2.08 38.79
C PRO A 136 15.94 3.37 38.09
N ILE A 137 16.05 3.37 36.76
CA ILE A 137 16.44 4.57 36.04
C ILE A 137 15.39 5.67 36.19
N SER A 138 14.11 5.30 36.07
CA SER A 138 13.05 6.30 36.20
C SER A 138 12.92 6.80 37.63
N LEU A 139 13.30 5.98 38.62
CA LEU A 139 13.28 6.44 40.01
C LEU A 139 14.26 7.60 40.21
N ALA A 140 15.46 7.48 39.66
CA ALA A 140 16.44 8.55 39.81
C ALA A 140 16.03 9.81 39.07
N ALA A 141 15.46 9.65 37.87
CA ALA A 141 15.06 10.81 37.07
C ALA A 141 13.92 11.57 37.72
N PHE A 142 12.89 10.85 38.18
CA PHE A 142 11.73 11.46 38.82
C PHE A 142 11.69 11.02 40.27
N GLN A 143 11.94 11.95 41.19
CA GLN A 143 11.97 11.63 42.61
C GLN A 143 10.61 11.82 43.26
N GLN A 144 9.57 11.25 42.65
CA GLN A 144 8.23 11.25 43.22
C GLN A 144 7.63 9.85 43.16
N ALA A 145 8.07 9.07 42.18
CA ALA A 145 7.66 7.69 41.96
C ALA A 145 6.21 7.58 41.51
N ASN A 146 5.47 8.69 41.52
CA ASN A 146 4.14 8.72 40.94
C ASN A 146 4.22 8.88 39.43
N PRO A 147 4.93 9.89 38.89
CA PRO A 147 5.11 9.94 37.42
C PRO A 147 6.12 8.94 36.90
N SER A 148 6.89 8.30 37.78
CA SER A 148 7.83 7.27 37.33
C SER A 148 7.09 6.08 36.73
N ALA A 149 5.97 5.69 37.32
CA ALA A 149 5.17 4.61 36.75
C ALA A 149 4.61 5.00 35.38
N ILE A 150 4.23 6.26 35.22
CA ILE A 150 3.71 6.73 33.93
C ILE A 150 4.78 6.65 32.86
N PHE A 151 6.03 7.00 33.22
CA PHE A 151 7.11 6.96 32.25
C PHE A 151 7.38 5.54 31.77
N VAL A 152 7.32 4.56 32.68
CA VAL A 152 7.55 3.18 32.29
C VAL A 152 6.50 2.72 31.29
N ILE A 153 5.24 3.08 31.52
CA ILE A 153 4.17 2.77 30.57
C ILE A 153 4.39 3.54 29.28
N PHE A 154 4.75 4.83 29.38
CA PHE A 154 4.92 5.65 28.20
C PHE A 154 6.08 5.18 27.34
N ILE A 155 7.24 4.93 27.96
CA ILE A 155 8.43 4.59 27.19
C ILE A 155 8.36 3.17 26.62
N THR A 156 7.50 2.31 27.16
CA THR A 156 7.39 0.95 26.65
C THR A 156 6.43 0.87 25.47
N SER A 157 5.23 1.45 25.62
CA SER A 157 4.22 1.40 24.56
C SER A 157 4.29 2.62 23.66
N ILE A 158 5.48 2.92 23.15
CA ILE A 158 5.66 4.01 22.19
C ILE A 158 6.36 3.58 20.92
N TRP A 159 7.17 2.53 20.95
CA TRP A 159 7.96 2.11 19.80
C TRP A 159 7.10 1.46 18.71
N PRO A 160 6.14 0.58 19.05
CA PRO A 160 5.23 0.10 18.00
C PRO A 160 4.48 1.21 17.29
N ILE A 161 4.08 2.24 18.02
CA ILE A 161 3.42 3.38 17.40
C ILE A 161 4.44 4.18 16.58
N LEU A 162 5.65 4.33 17.11
CA LEU A 162 6.68 5.11 16.41
C LEU A 162 7.18 4.38 15.17
N LEU A 163 7.45 3.08 15.29
CA LEU A 163 8.00 2.34 14.17
C LEU A 163 6.97 2.18 13.05
N ASN A 164 5.72 1.85 13.41
CA ASN A 164 4.69 1.64 12.39
C ASN A 164 4.37 2.93 11.66
N THR A 165 4.30 4.04 12.39
CA THR A 165 4.05 5.34 11.74
C THR A 165 5.19 5.72 10.81
N THR A 166 6.44 5.48 11.23
CA THR A 166 7.58 5.81 10.40
C THR A 166 7.59 4.97 9.12
N VAL A 167 7.33 3.66 9.25
CA VAL A 167 7.29 2.80 8.07
C VAL A 167 6.11 3.16 7.18
N GLY A 168 4.99 3.55 7.78
CA GLY A 168 3.83 3.93 6.98
C GLY A 168 4.09 5.14 6.11
N VAL A 169 4.73 6.16 6.67
CA VAL A 169 5.06 7.36 5.90
C VAL A 169 6.04 7.02 4.78
N GLN A 170 7.04 6.19 5.09
CA GLN A 170 8.03 5.81 4.09
C GLN A 170 7.44 4.97 2.96
N GLN A 171 6.28 4.36 3.19
CA GLN A 171 5.65 3.49 2.20
C GLN A 171 4.49 4.18 1.48
N ILE A 172 4.38 5.49 1.59
CA ILE A 172 3.33 6.23 0.88
C ILE A 172 3.59 6.14 -0.62
N PRO A 173 2.61 5.74 -1.43
CA PRO A 173 2.83 5.64 -2.87
C PRO A 173 3.18 6.99 -3.48
N GLN A 174 4.01 6.95 -4.52
CA GLN A 174 4.44 8.18 -5.18
C GLN A 174 3.29 8.90 -5.85
N ASP A 175 2.20 8.20 -6.17
CA ASP A 175 1.05 8.85 -6.80
C ASP A 175 0.44 9.90 -5.89
N TYR A 176 0.32 9.60 -4.59
CA TYR A 176 -0.23 10.57 -3.65
C TYR A 176 0.75 11.70 -3.40
N ILE A 177 2.05 11.40 -3.39
CA ILE A 177 3.06 12.44 -3.19
C ILE A 177 3.12 13.38 -4.38
N ASN A 178 2.96 12.83 -5.59
CA ASN A 178 2.96 13.66 -6.79
C ASN A 178 1.81 14.65 -6.76
N VAL A 179 0.63 14.21 -6.32
CA VAL A 179 -0.50 15.11 -6.16
C VAL A 179 -0.17 16.20 -5.14
N ALA A 180 0.49 15.82 -4.04
CA ALA A 180 0.88 16.78 -3.02
C ALA A 180 1.94 17.74 -3.53
N LYS A 181 2.87 17.26 -4.37
CA LYS A 181 3.93 18.14 -4.86
C LYS A 181 3.39 19.22 -5.78
N VAL A 182 2.45 18.87 -6.67
CA VAL A 182 1.93 19.86 -7.62
C VAL A 182 1.24 20.98 -6.88
N LEU A 183 0.33 20.65 -5.97
CA LEU A 183 -0.30 21.66 -5.16
C LEU A 183 0.67 22.14 -4.08
N ARG A 184 0.30 23.24 -3.41
CA ARG A 184 1.12 23.79 -2.34
C ARG A 184 0.74 23.16 -1.01
N LEU A 185 0.81 21.83 -0.97
CA LEU A 185 0.49 21.04 0.21
C LEU A 185 1.79 20.74 0.94
N LYS A 186 2.07 21.51 1.99
CA LYS A 186 3.26 21.31 2.81
C LYS A 186 2.97 21.77 4.22
N GLY A 187 3.57 21.10 5.19
CA GLY A 187 3.38 21.43 6.59
C GLY A 187 2.19 20.70 7.17
N VAL A 188 1.35 21.43 7.91
CA VAL A 188 0.19 20.82 8.54
C VAL A 188 -0.80 20.33 7.49
N LYS A 189 -0.94 21.09 6.40
CA LYS A 189 -1.87 20.70 5.34
C LYS A 189 -1.45 19.38 4.70
N TYR A 190 -0.14 19.18 4.49
CA TYR A 190 0.34 17.95 3.90
C TYR A 190 0.08 16.75 4.81
N PHE A 191 0.29 16.93 6.12
CA PHE A 191 0.12 15.81 7.04
C PHE A 191 -1.35 15.44 7.21
N PHE A 192 -2.23 16.43 7.26
CA PHE A 192 -3.65 16.19 7.54
C PHE A 192 -4.44 15.76 6.30
N LYS A 193 -3.88 15.93 5.10
CA LYS A 193 -4.60 15.61 3.88
C LYS A 193 -3.99 14.48 3.08
N ILE A 194 -2.70 14.18 3.26
CA ILE A 194 -2.00 13.14 2.51
C ILE A 194 -1.37 12.10 3.42
N VAL A 195 -0.60 12.54 4.41
CA VAL A 195 0.17 11.61 5.23
C VAL A 195 -0.76 10.78 6.11
N PHE A 196 -1.72 11.43 6.76
CA PHE A 196 -2.57 10.70 7.70
C PHE A 196 -3.55 9.76 7.00
N PRO A 197 -4.36 10.20 6.03
CA PRO A 197 -5.31 9.26 5.41
C PRO A 197 -4.64 8.08 4.71
N ALA A 198 -3.44 8.28 4.16
CA ALA A 198 -2.76 7.17 3.48
C ALA A 198 -2.24 6.15 4.48
N THR A 199 -1.60 6.60 5.55
CA THR A 199 -1.02 5.71 6.55
C THR A 199 -1.98 5.44 7.70
N VAL A 200 -3.20 5.03 7.37
CA VAL A 200 -4.19 4.66 8.38
C VAL A 200 -3.93 3.25 8.89
N PRO A 201 -3.75 2.24 8.02
CA PRO A 201 -3.47 0.89 8.56
C PRO A 201 -2.21 0.80 9.39
N TYR A 202 -1.16 1.55 9.03
CA TYR A 202 0.08 1.49 9.77
C TYR A 202 -0.06 2.14 11.15
N ILE A 203 -0.65 3.33 11.19
CA ILE A 203 -0.78 4.06 12.46
C ILE A 203 -1.70 3.30 13.42
N PHE A 204 -2.83 2.80 12.92
CA PHE A 204 -3.79 2.15 13.80
C PHE A 204 -3.27 0.78 14.26
N THR A 205 -2.51 0.08 13.43
CA THR A 205 -1.89 -1.17 13.88
C THR A 205 -0.85 -0.89 14.96
N GLY A 206 -0.10 0.20 14.82
CA GLY A 206 0.84 0.59 15.87
C GLY A 206 0.13 0.92 17.17
N LEU A 207 -1.02 1.59 17.07
CA LEU A 207 -1.83 1.86 18.26
C LEU A 207 -2.36 0.56 18.86
N ARG A 208 -2.73 -0.40 18.01
CA ARG A 208 -3.22 -1.67 18.50
C ARG A 208 -2.14 -2.41 19.28
N ILE A 209 -0.91 -2.44 18.77
CA ILE A 209 0.20 -3.05 19.50
C ILE A 209 0.56 -2.22 20.72
N GLY A 210 0.47 -0.89 20.60
CA GLY A 210 0.78 -0.03 21.73
C GLY A 210 -0.16 -0.23 22.90
N ILE A 211 -1.43 -0.51 22.60
CA ILE A 211 -2.40 -0.77 23.66
C ILE A 211 -2.01 -2.01 24.45
N GLY A 212 -1.59 -3.06 23.75
CA GLY A 212 -1.20 -4.29 24.44
C GLY A 212 0.04 -4.11 25.29
N LEU A 213 0.99 -3.29 24.83
CA LEU A 213 2.22 -3.08 25.58
C LEU A 213 2.01 -2.21 26.82
N SER A 214 0.99 -1.36 26.83
CA SER A 214 0.68 -0.59 28.03
C SER A 214 0.29 -1.52 29.17
N TRP A 215 -0.54 -2.53 28.88
CA TRP A 215 -0.88 -3.53 29.86
C TRP A 215 0.24 -4.53 30.09
N LEU A 216 1.10 -4.74 29.09
CA LEU A 216 2.21 -5.68 29.23
C LEU A 216 3.26 -5.19 30.22
N ALA A 217 3.29 -3.89 30.52
CA ALA A 217 4.26 -3.31 31.42
C ALA A 217 3.61 -2.65 32.63
N ILE A 218 2.47 -3.19 33.08
CA ILE A 218 1.80 -2.61 34.23
C ILE A 218 2.28 -3.26 35.54
N VAL A 219 2.71 -4.52 35.49
CA VAL A 219 3.25 -5.16 36.69
C VAL A 219 4.53 -4.47 37.12
N ALA A 220 5.42 -4.19 36.17
CA ALA A 220 6.66 -3.50 36.50
C ALA A 220 6.41 -2.05 36.87
N ALA A 221 5.50 -1.37 36.15
CA ALA A 221 5.27 0.05 36.40
C ALA A 221 4.71 0.30 37.79
N GLU A 222 3.78 -0.55 38.23
CA GLU A 222 3.14 -0.36 39.53
C GLU A 222 3.93 -1.01 40.67
N MET A 223 5.22 -1.24 40.48
CA MET A 223 6.09 -1.69 41.55
C MET A 223 6.54 -0.56 42.45
N LEU A 224 6.23 0.69 42.09
CA LEU A 224 6.64 1.86 42.85
C LEU A 224 5.45 2.56 43.52
N VAL A 225 4.26 1.95 43.47
CA VAL A 225 3.07 2.56 44.04
C VAL A 225 2.50 1.61 45.10
N GLY A 226 1.36 1.99 45.68
CA GLY A 226 0.73 1.19 46.70
C GLY A 226 0.19 -0.12 46.14
N GLY A 227 -0.55 -0.82 47.00
CA GLY A 227 -1.11 -2.11 46.65
C GLY A 227 -2.35 -2.08 45.80
N VAL A 228 -2.86 -0.90 45.46
CA VAL A 228 -4.05 -0.77 44.63
C VAL A 228 -3.63 -0.69 43.17
N GLY A 229 -4.29 -1.50 42.33
CA GLY A 229 -3.97 -1.51 40.90
C GLY A 229 -3.54 -2.90 40.47
N ILE A 230 -4.05 -3.31 39.31
CA ILE A 230 -3.68 -4.61 38.75
C ILE A 230 -2.23 -4.55 38.29
N GLY A 231 -1.42 -5.49 38.78
CA GLY A 231 0.01 -5.46 38.58
C GLY A 231 0.70 -5.49 39.92
N SER A 232 0.15 -4.75 40.88
CA SER A 232 0.48 -5.00 42.28
C SER A 232 -0.28 -6.21 42.80
N PHE A 233 -1.52 -6.38 42.36
CA PHE A 233 -2.29 -7.57 42.71
C PHE A 233 -1.65 -8.83 42.12
N ILE A 234 -1.14 -8.72 40.88
CA ILE A 234 -0.46 -9.86 40.28
C ILE A 234 0.87 -10.13 40.96
N TRP A 235 1.61 -9.07 41.29
CA TRP A 235 2.96 -9.23 41.82
C TRP A 235 2.94 -9.91 43.19
N ASP A 236 2.12 -9.39 44.12
CA ASP A 236 2.11 -9.96 45.46
C ASP A 236 1.43 -11.32 45.52
N ALA A 237 0.56 -11.65 44.57
CA ALA A 237 0.03 -13.00 44.47
C ALA A 237 1.04 -13.98 43.92
N TYR A 238 1.97 -13.53 43.08
CA TYR A 238 3.04 -14.40 42.61
C TYR A 238 4.08 -14.65 43.69
N ASN A 239 4.33 -13.66 44.55
CA ASN A 239 5.30 -13.84 45.63
C ASN A 239 4.76 -14.78 46.71
N THR A 240 3.48 -14.67 47.04
CA THR A 240 2.85 -15.48 48.07
C THR A 240 2.18 -16.68 47.42
N THR A 241 2.73 -17.87 47.66
CA THR A 241 2.20 -19.10 47.09
C THR A 241 1.18 -19.71 48.05
N THR A 242 -0.08 -19.72 47.63
CA THR A 242 -1.16 -20.30 48.41
C THR A 242 -1.92 -21.33 47.61
N GLU A 243 -3.02 -21.86 48.17
CA GLU A 243 -3.84 -22.81 47.43
C GLU A 243 -4.54 -22.12 46.25
N THR A 244 -5.15 -20.96 46.50
CA THR A 244 -5.79 -20.17 45.47
C THR A 244 -4.84 -19.12 44.89
N ASN A 245 -3.67 -19.56 44.45
CA ASN A 245 -2.64 -18.65 43.98
C ASN A 245 -2.72 -18.42 42.46
N LEU A 246 -2.64 -19.51 41.69
CA LEU A 246 -2.69 -19.38 40.24
C LEU A 246 -4.05 -18.92 39.75
N SER A 247 -5.12 -19.31 40.46
CA SER A 247 -6.46 -18.90 40.04
C SER A 247 -6.65 -17.40 40.15
N GLU A 248 -6.05 -16.78 41.18
CA GLU A 248 -6.22 -15.34 41.37
C GLU A 248 -5.59 -14.55 40.24
N ILE A 249 -4.38 -14.92 39.82
CA ILE A 249 -3.71 -14.17 38.76
C ILE A 249 -4.37 -14.43 37.41
N ILE A 250 -4.85 -15.66 37.18
CA ILE A 250 -5.50 -15.96 35.91
C ILE A 250 -6.77 -15.15 35.74
N LEU A 251 -7.57 -15.02 36.80
CA LEU A 251 -8.76 -14.20 36.74
C LEU A 251 -8.41 -12.73 36.53
N ALA A 252 -7.32 -12.26 37.14
CA ALA A 252 -6.88 -10.89 36.93
C ALA A 252 -6.47 -10.67 35.48
N LEU A 253 -5.80 -11.64 34.87
CA LEU A 253 -5.41 -11.53 33.47
C LEU A 253 -6.64 -11.48 32.56
N ILE A 254 -7.68 -12.24 32.90
CA ILE A 254 -8.91 -12.20 32.13
C ILE A 254 -9.53 -10.81 32.20
N TYR A 255 -9.53 -10.21 33.38
CA TYR A 255 -10.05 -8.85 33.53
C TYR A 255 -9.25 -7.85 32.71
N VAL A 256 -7.92 -8.01 32.70
CA VAL A 256 -7.07 -7.13 31.90
C VAL A 256 -7.37 -7.30 30.43
N GLY A 257 -7.51 -8.54 29.97
CA GLY A 257 -7.78 -8.79 28.56
C GLY A 257 -9.10 -8.21 28.11
N LEU A 258 -10.15 -8.37 28.92
CA LEU A 258 -11.45 -7.81 28.56
C LEU A 258 -11.40 -6.29 28.51
N VAL A 259 -10.73 -5.66 29.47
CA VAL A 259 -10.56 -4.22 29.44
C VAL A 259 -9.72 -3.81 28.24
N GLY A 260 -8.65 -4.54 27.96
CA GLY A 260 -7.84 -4.28 26.79
C GLY A 260 -8.59 -4.57 25.50
N LEU A 261 -9.59 -5.44 25.55
CA LEU A 261 -10.40 -5.70 24.37
C LEU A 261 -11.31 -4.52 24.06
N LEU A 262 -11.94 -3.95 25.08
CA LEU A 262 -12.74 -2.74 24.88
C LEU A 262 -11.88 -1.56 24.44
N LEU A 263 -10.68 -1.43 25.00
CA LEU A 263 -9.77 -0.37 24.56
C LEU A 263 -9.33 -0.59 23.12
N ASP A 264 -9.15 -1.84 22.72
CA ASP A 264 -8.81 -2.13 21.32
C ASP A 264 -9.91 -1.67 20.37
N ARG A 265 -11.16 -1.96 20.72
CA ARG A 265 -12.31 -1.58 19.90
C ARG A 265 -12.77 -0.17 20.31
N LEU A 266 -11.91 0.80 20.06
CA LEU A 266 -12.19 2.18 20.40
C LEU A 266 -11.33 3.13 19.56
N PHE B 21 32.19 6.25 0.96
CA PHE B 21 31.83 7.62 1.29
C PHE B 21 30.48 7.68 2.00
N LEU B 22 30.46 7.20 3.25
CA LEU B 22 29.24 7.19 4.06
C LEU B 22 29.27 8.42 4.96
N TRP B 23 28.87 9.56 4.39
CA TRP B 23 28.86 10.81 5.12
C TRP B 23 27.48 11.19 5.64
N LYS B 24 26.41 10.68 5.03
CA LYS B 24 25.04 10.94 5.48
C LYS B 24 24.37 9.70 6.06
N LYS B 25 25.14 8.66 6.36
CA LYS B 25 24.58 7.44 6.95
C LYS B 25 25.30 6.98 8.21
N VAL B 26 26.57 7.33 8.40
CA VAL B 26 27.32 6.91 9.57
C VAL B 26 27.62 8.13 10.43
N VAL B 27 27.82 9.28 9.79
CA VAL B 27 28.13 10.51 10.51
C VAL B 27 26.91 11.02 11.28
N PRO B 28 25.73 11.13 10.68
CA PRO B 28 24.56 11.63 11.43
C PRO B 28 24.23 10.81 12.67
N PRO B 29 24.35 9.47 12.64
CA PRO B 29 24.16 8.75 13.91
C PRO B 29 25.11 9.18 15.02
N LEU B 30 26.37 9.45 14.71
CA LEU B 30 27.31 9.90 15.73
C LEU B 30 27.05 11.35 16.13
N VAL B 31 26.68 12.20 15.17
CA VAL B 31 26.30 13.57 15.50
C VAL B 31 25.06 13.56 16.39
N ALA B 32 24.07 12.74 16.05
CA ALA B 32 22.90 12.59 16.91
C ALA B 32 23.25 11.89 18.21
N LEU B 33 24.34 11.11 18.22
CA LEU B 33 24.78 10.47 19.46
C LEU B 33 25.38 11.48 20.42
N GLY B 34 25.99 12.55 19.90
CA GLY B 34 26.50 13.59 20.79
C GLY B 34 25.39 14.22 21.63
N ILE B 35 24.27 14.56 20.98
CA ILE B 35 23.06 14.87 21.73
C ILE B 35 22.56 13.60 22.40
N PHE B 36 21.93 13.78 23.56
CA PHE B 36 21.51 12.73 24.50
C PHE B 36 22.71 12.12 25.21
N LEU B 37 23.93 12.52 24.87
CA LEU B 37 25.13 12.14 25.61
C LEU B 37 25.76 13.31 26.37
N VAL B 38 25.61 14.54 25.88
CA VAL B 38 26.09 15.72 26.59
C VAL B 38 24.98 16.37 27.40
N ILE B 39 23.74 16.37 26.88
CA ILE B 39 22.62 16.86 27.68
C ILE B 39 22.33 15.89 28.82
N TRP B 40 22.64 14.61 28.63
CA TRP B 40 22.54 13.66 29.74
C TRP B 40 23.50 14.05 30.86
N GLN B 41 24.73 14.42 30.51
CA GLN B 41 25.66 14.96 31.51
C GLN B 41 25.15 16.28 32.08
N LEU B 42 24.61 17.16 31.22
CA LEU B 42 24.09 18.43 31.68
C LEU B 42 22.85 18.27 32.55
N LEU B 43 22.09 17.19 32.36
CA LEU B 43 20.93 16.94 33.21
C LEU B 43 21.32 16.59 34.63
N CYS B 44 22.52 16.06 34.85
CA CYS B 44 22.98 15.71 36.18
C CYS B 44 23.47 16.91 36.98
N LEU B 45 23.58 18.09 36.35
CA LEU B 45 23.94 19.29 37.11
C LEU B 45 22.88 19.61 38.15
N ASN B 46 21.64 19.22 37.90
CA ASN B 46 20.58 19.37 38.90
C ASN B 46 20.81 18.38 40.03
N PRO B 47 20.95 18.83 41.28
CA PRO B 47 21.15 17.87 42.37
C PRO B 47 20.00 16.89 42.55
N ASN B 48 18.79 17.27 42.16
CA ASN B 48 17.65 16.36 42.27
C ASN B 48 17.72 15.21 41.28
N PHE B 49 18.58 15.32 40.26
CA PHE B 49 18.74 14.27 39.26
C PHE B 49 19.78 13.27 39.78
N LYS B 50 19.30 12.18 40.36
CA LYS B 50 20.18 11.19 40.96
C LYS B 50 20.73 10.17 39.96
N LEU B 51 20.30 10.25 38.70
CA LEU B 51 20.78 9.31 37.70
C LEU B 51 22.24 9.62 37.35
N PRO B 52 23.11 8.61 37.37
CA PRO B 52 24.52 8.85 37.02
C PRO B 52 24.68 9.33 35.58
N GLY B 53 25.66 10.20 35.39
CA GLY B 53 25.95 10.73 34.08
C GLY B 53 26.80 9.80 33.25
N PRO B 54 27.03 10.16 31.99
CA PRO B 54 27.86 9.30 31.12
C PRO B 54 29.28 9.13 31.64
N ILE B 55 29.85 10.16 32.26
CA ILE B 55 31.23 10.08 32.71
C ILE B 55 31.37 9.09 33.86
N GLU B 56 30.51 9.19 34.87
CA GLU B 56 30.61 8.31 36.02
C GLU B 56 30.11 6.91 35.71
N THR B 57 29.11 6.78 34.82
CA THR B 57 28.64 5.45 34.44
C THR B 57 29.73 4.67 33.73
N PHE B 58 30.49 5.34 32.86
CA PHE B 58 31.57 4.70 32.12
C PHE B 58 32.87 4.66 32.90
N SER B 59 32.90 5.17 34.13
CA SER B 59 34.08 5.13 34.98
C SER B 59 33.92 4.18 36.15
N GLU B 60 32.75 4.16 36.79
CA GLU B 60 32.54 3.23 37.90
C GLU B 60 32.57 1.78 37.42
N THR B 61 31.98 1.51 36.26
CA THR B 61 32.01 0.18 35.66
C THR B 61 33.18 -0.02 34.72
N TRP B 62 34.07 0.98 34.60
CA TRP B 62 35.20 0.88 33.69
C TRP B 62 36.13 -0.26 34.07
N ASP B 63 36.57 -0.28 35.33
CA ASP B 63 37.61 -1.23 35.75
C ASP B 63 37.19 -2.69 35.62
N PRO B 64 36.06 -3.15 36.19
CA PRO B 64 35.79 -4.59 36.14
C PRO B 64 35.11 -5.05 34.85
N PHE B 65 34.30 -4.18 34.24
CA PHE B 65 33.44 -4.59 33.12
C PHE B 65 33.94 -4.07 31.78
N ILE B 66 34.12 -2.76 31.64
CA ILE B 66 34.47 -2.19 30.34
C ILE B 66 35.92 -2.49 29.95
N ILE B 67 36.81 -2.68 30.92
CA ILE B 67 38.19 -3.01 30.60
C ILE B 67 38.26 -4.31 29.82
N ASN B 68 37.58 -5.35 30.30
CA ASN B 68 37.57 -6.62 29.59
C ASN B 68 36.34 -7.44 29.95
N PRO B 69 35.53 -7.81 28.96
CA PRO B 69 34.45 -8.77 29.20
C PRO B 69 35.00 -10.19 29.15
N PHE B 70 34.08 -11.16 29.25
CA PHE B 70 34.43 -12.58 29.16
C PHE B 70 35.43 -12.99 30.25
N PHE B 71 35.25 -12.46 31.45
CA PHE B 71 36.03 -12.86 32.61
C PHE B 71 35.14 -13.66 33.55
N ASP B 72 35.66 -14.78 34.03
CA ASP B 72 34.90 -15.70 34.87
C ASP B 72 35.53 -15.67 36.26
N ASN B 73 34.76 -15.20 37.25
CA ASN B 73 35.19 -15.20 38.65
C ASN B 73 34.27 -16.06 39.52
N GLY B 74 33.81 -17.19 39.00
CA GLY B 74 32.88 -18.05 39.69
C GLY B 74 31.51 -18.07 39.03
N GLU B 75 30.63 -18.89 39.59
CA GLU B 75 29.29 -19.02 39.05
C GLU B 75 28.51 -17.73 39.26
N SER B 76 27.68 -17.40 38.26
CA SER B 76 26.84 -16.20 38.21
C SER B 76 27.63 -14.91 38.15
N ASP B 77 28.96 -14.98 38.09
CA ASP B 77 29.81 -13.79 37.95
C ASP B 77 30.67 -13.89 36.71
N LYS B 78 30.08 -14.28 35.58
CA LYS B 78 30.83 -14.49 34.34
C LYS B 78 30.85 -13.20 33.51
N GLY B 79 31.32 -12.12 34.16
CA GLY B 79 31.54 -10.87 33.46
C GLY B 79 30.28 -10.32 32.82
N LEU B 80 30.41 -9.95 31.55
CA LEU B 80 29.29 -9.46 30.76
C LEU B 80 29.16 -10.12 29.40
N GLY B 81 30.23 -10.66 28.83
CA GLY B 81 30.13 -11.32 27.53
C GLY B 81 29.29 -12.58 27.58
N TRP B 82 29.49 -13.42 28.60
CA TRP B 82 28.64 -14.59 28.76
C TRP B 82 27.22 -14.21 29.15
N GLN B 83 27.06 -13.13 29.91
CA GLN B 83 25.72 -12.67 30.26
C GLN B 83 24.95 -12.23 29.02
N ILE B 84 25.59 -11.50 28.12
CA ILE B 84 24.94 -11.05 26.89
C ILE B 84 24.81 -12.16 25.86
N LEU B 85 25.52 -13.28 26.06
CA LEU B 85 25.44 -14.41 25.13
C LEU B 85 24.52 -15.50 25.62
N SER B 86 24.47 -15.75 26.93
CA SER B 86 23.51 -16.72 27.46
C SER B 86 22.08 -16.25 27.24
N SER B 87 21.84 -14.95 27.41
CA SER B 87 20.52 -14.39 27.11
C SER B 87 20.27 -14.34 25.61
N LEU B 88 21.33 -14.16 24.81
CA LEU B 88 21.17 -14.13 23.36
C LEU B 88 20.66 -15.47 22.83
N GLY B 89 21.19 -16.57 23.38
CA GLY B 89 20.72 -17.89 22.98
C GLY B 89 19.30 -18.19 23.42
N ARG B 90 18.80 -17.49 24.44
CA ARG B 90 17.43 -17.68 24.88
C ARG B 90 16.45 -16.90 24.02
N VAL B 91 16.75 -15.63 23.75
CA VAL B 91 15.89 -14.83 22.88
C VAL B 91 15.96 -15.32 21.44
N GLY B 92 17.10 -15.88 21.03
CA GLY B 92 17.22 -16.37 19.67
C GLY B 92 16.25 -17.49 19.36
N LEU B 93 16.15 -18.47 20.28
CA LEU B 93 15.20 -19.56 20.09
C LEU B 93 13.76 -19.07 20.28
N GLY B 94 13.56 -18.16 21.23
CA GLY B 94 12.22 -17.64 21.47
C GLY B 94 11.70 -16.81 20.31
N PHE B 95 12.55 -15.94 19.76
CA PHE B 95 12.13 -15.10 18.65
C PHE B 95 11.95 -15.90 17.37
N SER B 96 12.80 -16.89 17.13
CA SER B 96 12.70 -17.69 15.92
C SER B 96 11.39 -18.45 15.87
N LEU B 97 10.99 -19.04 17.00
CA LEU B 97 9.70 -19.73 17.06
C LEU B 97 8.54 -18.74 16.88
N ALA B 98 8.65 -17.57 17.51
CA ALA B 98 7.59 -16.57 17.39
C ALA B 98 7.54 -15.99 15.98
N ALA B 99 8.70 -15.77 15.37
CA ALA B 99 8.74 -15.24 14.01
C ALA B 99 8.07 -16.19 13.03
N ILE B 100 8.35 -17.50 13.15
CA ILE B 100 7.72 -18.48 12.28
C ILE B 100 6.24 -18.60 12.60
N ALA B 101 5.90 -18.70 13.88
CA ALA B 101 4.50 -18.85 14.27
C ALA B 101 3.69 -17.63 13.89
N GLY B 102 4.23 -16.44 14.10
CA GLY B 102 3.50 -15.22 13.76
C GLY B 102 3.27 -15.06 12.27
N ILE B 103 4.30 -15.33 11.46
CA ILE B 103 4.17 -15.14 10.02
C ILE B 103 3.20 -16.16 9.43
N ILE B 104 3.36 -17.43 9.79
CA ILE B 104 2.49 -18.47 9.25
C ILE B 104 1.05 -18.25 9.69
N LEU B 105 0.86 -17.93 10.96
CA LEU B 105 -0.49 -17.61 11.43
C LEU B 105 -1.02 -16.34 10.80
N GLY B 106 -0.21 -15.27 10.80
CA GLY B 106 -0.66 -14.00 10.28
C GLY B 106 -1.16 -14.10 8.85
N ILE B 107 -0.56 -14.99 8.05
CA ILE B 107 -1.08 -15.25 6.72
C ILE B 107 -2.40 -16.00 6.79
N LEU B 108 -2.48 -17.02 7.66
CA LEU B 108 -3.68 -17.84 7.74
C LEU B 108 -4.87 -17.05 8.29
N ILE B 109 -4.71 -16.35 9.41
CA ILE B 109 -5.75 -15.45 9.89
C ILE B 109 -5.90 -14.20 9.02
N GLY B 110 -4.84 -13.78 8.32
CA GLY B 110 -4.97 -12.65 7.41
C GLY B 110 -5.96 -12.92 6.30
N VAL B 111 -5.85 -14.09 5.66
CA VAL B 111 -6.86 -14.56 4.72
C VAL B 111 -7.97 -15.20 5.54
N ASN B 112 -9.10 -15.52 4.89
CA ASN B 112 -10.23 -16.15 5.56
C ASN B 112 -10.74 -15.27 6.70
N PRO B 113 -11.41 -14.15 6.40
CA PRO B 113 -11.85 -13.24 7.47
C PRO B 113 -12.78 -13.90 8.47
N LEU B 114 -13.43 -15.01 8.11
CA LEU B 114 -14.24 -15.73 9.09
C LEU B 114 -13.37 -16.27 10.22
N VAL B 115 -12.19 -16.78 9.89
CA VAL B 115 -11.24 -17.22 10.92
C VAL B 115 -10.75 -16.02 11.72
N TYR B 116 -10.50 -14.89 11.05
CA TYR B 116 -10.06 -13.69 11.77
C TYR B 116 -11.13 -13.21 12.74
N ASN B 117 -12.39 -13.21 12.32
CA ASN B 117 -13.48 -12.89 13.23
C ASN B 117 -13.67 -13.98 14.28
N ALA B 118 -13.25 -15.20 14.00
CA ALA B 118 -13.42 -16.28 14.97
C ALA B 118 -12.48 -16.09 16.15
N VAL B 119 -11.17 -16.20 15.93
CA VAL B 119 -10.23 -15.86 16.99
C VAL B 119 -9.75 -14.43 16.83
N ASP B 120 -10.63 -13.47 17.06
CA ASP B 120 -10.25 -12.09 17.34
C ASP B 120 -10.05 -11.84 18.84
N PRO B 121 -11.02 -12.23 19.71
CA PRO B 121 -10.91 -11.86 21.12
C PRO B 121 -9.87 -12.65 21.90
N ILE B 122 -9.78 -13.96 21.64
CA ILE B 122 -8.86 -14.79 22.41
C ILE B 122 -7.40 -14.46 22.14
N PHE B 123 -7.11 -13.74 21.06
CA PHE B 123 -5.77 -13.22 20.84
C PHE B 123 -5.56 -11.85 21.48
N GLN B 124 -6.59 -11.00 21.48
CA GLN B 124 -6.49 -9.71 22.13
C GLN B 124 -6.33 -9.84 23.64
N VAL B 125 -7.09 -10.75 24.26
CA VAL B 125 -6.99 -10.94 25.70
C VAL B 125 -5.72 -11.68 26.09
N LEU B 126 -5.12 -12.43 25.17
CA LEU B 126 -3.90 -13.18 25.45
C LEU B 126 -2.64 -12.39 25.19
N ARG B 127 -2.73 -11.21 24.58
CA ARG B 127 -1.57 -10.39 24.27
C ARG B 127 -1.40 -9.22 25.22
N THR B 128 -2.31 -9.03 26.17
CA THR B 128 -2.17 -8.01 27.19
C THR B 128 -1.57 -8.56 28.48
N VAL B 129 -1.21 -9.85 28.49
CA VAL B 129 -0.65 -10.50 29.67
C VAL B 129 0.80 -10.08 29.82
N PRO B 130 1.20 -9.51 30.96
CA PRO B 130 2.60 -9.14 31.16
C PRO B 130 3.48 -10.38 31.22
N PRO B 131 4.75 -10.26 30.80
CA PRO B 131 5.64 -11.42 30.89
C PRO B 131 5.85 -11.91 32.31
N LEU B 132 5.79 -11.01 33.31
CA LEU B 132 5.89 -11.44 34.69
C LEU B 132 4.68 -12.26 35.11
N ALA B 133 3.50 -11.94 34.57
CA ALA B 133 2.32 -12.75 34.84
C ALA B 133 2.38 -14.11 34.15
N TRP B 134 3.11 -14.19 33.03
CA TRP B 134 3.33 -15.48 32.37
C TRP B 134 4.27 -16.37 33.16
N LEU B 135 5.02 -15.82 34.12
CA LEU B 135 6.00 -16.63 34.85
C LEU B 135 5.36 -17.76 35.65
N PRO B 136 4.34 -17.52 36.49
CA PRO B 136 3.75 -18.67 37.21
C PRO B 136 3.00 -19.62 36.30
N ILE B 137 2.35 -19.11 35.25
CA ILE B 137 1.61 -19.98 34.34
C ILE B 137 2.55 -20.90 33.58
N SER B 138 3.69 -20.36 33.14
CA SER B 138 4.65 -21.19 32.39
C SER B 138 5.23 -22.29 33.25
N LEU B 139 5.51 -21.99 34.53
CA LEU B 139 6.03 -23.02 35.43
C LEU B 139 5.05 -24.15 35.62
N ALA B 140 3.77 -23.83 35.80
CA ALA B 140 2.76 -24.86 35.99
C ALA B 140 2.61 -25.73 34.74
N ALA B 141 2.60 -25.11 33.57
CA ALA B 141 2.46 -25.86 32.33
C ALA B 141 3.73 -26.66 32.02
N PHE B 142 4.89 -26.03 32.17
CA PHE B 142 6.18 -26.67 31.89
C PHE B 142 6.94 -26.80 33.21
N GLN B 143 6.95 -27.99 33.77
CA GLN B 143 7.62 -28.24 35.05
C GLN B 143 9.09 -28.59 34.85
N GLN B 144 9.79 -27.76 34.06
CA GLN B 144 11.22 -27.92 33.87
C GLN B 144 11.93 -26.59 34.03
N ALA B 145 11.20 -25.50 33.76
CA ALA B 145 11.64 -24.12 33.92
C ALA B 145 12.72 -23.74 32.92
N ASN B 146 13.21 -24.71 32.14
CA ASN B 146 14.12 -24.40 31.04
C ASN B 146 13.32 -23.93 29.82
N PRO B 147 12.32 -24.69 29.34
CA PRO B 147 11.53 -24.20 28.21
C PRO B 147 10.50 -23.16 28.60
N SER B 148 10.14 -23.06 29.89
CA SER B 148 9.19 -22.06 30.32
C SER B 148 9.72 -20.64 30.10
N ALA B 149 11.02 -20.44 30.30
CA ALA B 149 11.62 -19.14 29.99
C ALA B 149 11.53 -18.84 28.50
N ILE B 150 11.72 -19.86 27.66
CA ILE B 150 11.57 -19.67 26.21
C ILE B 150 10.13 -19.31 25.87
N PHE B 151 9.17 -19.92 26.56
CA PHE B 151 7.76 -19.65 26.29
C PHE B 151 7.41 -18.20 26.60
N VAL B 152 7.96 -17.65 27.67
CA VAL B 152 7.70 -16.26 28.02
C VAL B 152 8.23 -15.33 26.92
N ILE B 153 9.42 -15.62 26.42
CA ILE B 153 9.98 -14.83 25.31
C ILE B 153 9.14 -15.05 24.04
N PHE B 154 8.75 -16.30 23.79
CA PHE B 154 8.00 -16.60 22.57
C PHE B 154 6.62 -15.95 22.58
N ILE B 155 5.89 -16.08 23.70
CA ILE B 155 4.53 -15.58 23.75
C ILE B 155 4.48 -14.06 23.81
N THR B 156 5.58 -13.41 24.21
CA THR B 156 5.58 -11.95 24.28
C THR B 156 5.89 -11.33 22.93
N SER B 157 6.95 -11.81 22.27
CA SER B 157 7.38 -11.25 21.00
C SER B 157 6.78 -11.98 19.80
N ILE B 158 5.46 -12.15 19.80
CA ILE B 158 4.77 -12.80 18.70
C ILE B 158 3.61 -11.99 18.15
N TRP B 159 3.01 -11.09 18.91
CA TRP B 159 1.80 -10.39 18.50
C TRP B 159 2.08 -9.31 17.45
N PRO B 160 3.12 -8.47 17.62
CA PRO B 160 3.45 -7.53 16.52
C PRO B 160 3.73 -8.23 15.21
N ILE B 161 4.38 -9.38 15.25
CA ILE B 161 4.56 -10.17 14.04
C ILE B 161 3.21 -10.69 13.55
N LEU B 162 2.36 -11.12 14.47
CA LEU B 162 1.04 -11.61 14.10
C LEU B 162 0.12 -10.49 13.65
N LEU B 163 0.08 -9.39 14.40
CA LEU B 163 -0.85 -8.32 14.08
C LEU B 163 -0.47 -7.61 12.79
N ASN B 164 0.82 -7.35 12.58
CA ASN B 164 1.24 -6.67 11.36
C ASN B 164 1.03 -7.54 10.13
N THR B 165 1.26 -8.85 10.26
CA THR B 165 1.06 -9.74 9.13
C THR B 165 -0.42 -9.82 8.73
N THR B 166 -1.32 -9.90 9.71
CA THR B 166 -2.74 -9.93 9.41
C THR B 166 -3.19 -8.63 8.75
N VAL B 167 -2.72 -7.49 9.26
CA VAL B 167 -3.08 -6.21 8.66
C VAL B 167 -2.50 -6.10 7.26
N GLY B 168 -1.27 -6.58 7.07
CA GLY B 168 -0.67 -6.52 5.75
C GLY B 168 -1.42 -7.34 4.72
N VAL B 169 -1.81 -8.56 5.09
CA VAL B 169 -2.58 -9.41 4.17
C VAL B 169 -3.93 -8.77 3.87
N GLN B 170 -4.60 -8.24 4.89
CA GLN B 170 -5.89 -7.58 4.68
C GLN B 170 -5.77 -6.33 3.82
N GLN B 171 -4.58 -5.72 3.74
CA GLN B 171 -4.38 -4.50 2.99
C GLN B 171 -3.74 -4.76 1.63
N ILE B 172 -3.70 -6.01 1.18
CA ILE B 172 -3.15 -6.32 -0.14
C ILE B 172 -4.06 -5.69 -1.20
N PRO B 173 -3.52 -4.93 -2.15
CA PRO B 173 -4.38 -4.29 -3.17
C PRO B 173 -5.12 -5.32 -3.99
N GLN B 174 -6.35 -4.95 -4.39
CA GLN B 174 -7.19 -5.84 -5.18
C GLN B 174 -6.59 -6.15 -6.54
N ASP B 175 -5.71 -5.28 -7.05
CA ASP B 175 -5.07 -5.54 -8.34
C ASP B 175 -4.21 -6.80 -8.29
N TYR B 176 -3.46 -6.98 -7.21
CA TYR B 176 -2.64 -8.18 -7.09
C TYR B 176 -3.49 -9.41 -6.84
N ILE B 177 -4.58 -9.26 -6.09
CA ILE B 177 -5.50 -10.38 -5.87
C ILE B 177 -6.18 -10.77 -7.17
N ASN B 178 -6.54 -9.79 -7.99
CA ASN B 178 -7.18 -10.09 -9.28
C ASN B 178 -6.26 -10.91 -10.17
N VAL B 179 -4.97 -10.56 -10.21
CA VAL B 179 -4.02 -11.34 -11.00
C VAL B 179 -3.93 -12.76 -10.48
N ALA B 180 -3.89 -12.92 -9.15
CA ALA B 180 -3.83 -14.25 -8.56
C ALA B 180 -5.13 -15.02 -8.78
N LYS B 181 -6.27 -14.33 -8.81
CA LYS B 181 -7.54 -15.02 -8.98
C LYS B 181 -7.73 -15.53 -10.40
N VAL B 182 -7.36 -14.72 -11.40
CA VAL B 182 -7.53 -15.15 -12.79
C VAL B 182 -6.65 -16.36 -13.08
N LEU B 183 -5.40 -16.33 -12.63
CA LEU B 183 -4.56 -17.51 -12.69
C LEU B 183 -4.95 -18.49 -11.59
N ARG B 184 -4.37 -19.69 -11.65
CA ARG B 184 -4.65 -20.71 -10.63
C ARG B 184 -3.61 -20.64 -9.50
N LEU B 185 -3.54 -19.46 -8.89
CA LEU B 185 -2.63 -19.21 -7.77
C LEU B 185 -3.44 -19.27 -6.48
N LYS B 186 -3.25 -20.36 -5.73
CA LYS B 186 -3.93 -20.53 -4.45
C LYS B 186 -3.14 -21.50 -3.60
N GLY B 187 -3.09 -21.23 -2.30
CA GLY B 187 -2.38 -22.09 -1.37
C GLY B 187 -0.96 -21.63 -1.15
N VAL B 188 -0.02 -22.56 -1.25
CA VAL B 188 1.40 -22.24 -1.01
C VAL B 188 1.91 -21.27 -2.07
N LYS B 189 1.54 -21.51 -3.33
CA LYS B 189 2.03 -20.65 -4.41
C LYS B 189 1.50 -19.23 -4.27
N TYR B 190 0.25 -19.08 -3.84
CA TYR B 190 -0.31 -17.75 -3.63
C TYR B 190 0.42 -17.00 -2.53
N PHE B 191 0.88 -17.71 -1.49
CA PHE B 191 1.55 -17.05 -0.37
C PHE B 191 2.96 -16.61 -0.76
N PHE B 192 3.69 -17.45 -1.49
CA PHE B 192 5.08 -17.18 -1.82
C PHE B 192 5.27 -16.27 -3.02
N LYS B 193 4.21 -15.99 -3.78
CA LYS B 193 4.31 -15.15 -4.97
C LYS B 193 3.50 -13.87 -4.90
N ILE B 194 2.48 -13.80 -4.05
CA ILE B 194 1.64 -12.60 -3.96
C ILE B 194 1.62 -12.09 -2.52
N VAL B 195 1.27 -12.95 -1.58
CA VAL B 195 1.08 -12.52 -0.20
C VAL B 195 2.38 -12.04 0.41
N PHE B 196 3.47 -12.79 0.20
CA PHE B 196 4.74 -12.41 0.84
C PHE B 196 5.38 -11.20 0.17
N PRO B 197 5.60 -11.17 -1.15
CA PRO B 197 6.26 -9.99 -1.74
C PRO B 197 5.48 -8.70 -1.54
N ALA B 198 4.15 -8.75 -1.54
CA ALA B 198 3.37 -7.53 -1.33
C ALA B 198 3.45 -7.06 0.12
N THR B 199 3.36 -7.98 1.07
CA THR B 199 3.38 -7.62 2.49
C THR B 199 4.78 -7.71 3.07
N VAL B 200 5.74 -7.07 2.40
CA VAL B 200 7.12 -7.03 2.91
C VAL B 200 7.26 -5.94 3.97
N PRO B 201 6.80 -4.70 3.73
CA PRO B 201 6.92 -3.69 4.80
C PRO B 201 6.17 -4.05 6.07
N TYR B 202 5.01 -4.69 5.96
CA TYR B 202 4.24 -5.03 7.14
C TYR B 202 4.90 -6.14 7.94
N ILE B 203 5.34 -7.20 7.27
CA ILE B 203 5.91 -8.35 7.97
C ILE B 203 7.24 -7.97 8.62
N PHE B 204 8.09 -7.24 7.89
CA PHE B 204 9.40 -6.90 8.43
C PHE B 204 9.32 -5.87 9.54
N THR B 205 8.32 -4.98 9.50
CA THR B 205 8.12 -4.06 10.62
C THR B 205 7.73 -4.81 11.88
N GLY B 206 6.88 -5.83 11.74
CA GLY B 206 6.52 -6.65 12.89
C GLY B 206 7.72 -7.41 13.44
N LEU B 207 8.58 -7.90 12.56
CA LEU B 207 9.79 -8.58 13.01
C LEU B 207 10.70 -7.64 13.79
N ARG B 208 10.82 -6.38 13.32
CA ARG B 208 11.64 -5.41 14.02
C ARG B 208 11.08 -5.12 15.41
N ILE B 209 9.76 -4.97 15.53
CA ILE B 209 9.14 -4.80 16.83
C ILE B 209 9.26 -6.08 17.65
N GLY B 210 9.14 -7.24 16.99
CA GLY B 210 9.28 -8.50 17.69
C GLY B 210 10.66 -8.69 18.29
N ILE B 211 11.69 -8.19 17.61
CA ILE B 211 13.05 -8.25 18.16
C ILE B 211 13.13 -7.44 19.44
N GLY B 212 12.52 -6.26 19.47
CA GLY B 212 12.52 -5.43 20.66
C GLY B 212 11.80 -6.08 21.83
N LEU B 213 10.73 -6.84 21.57
CA LEU B 213 10.00 -7.49 22.65
C LEU B 213 10.75 -8.69 23.20
N SER B 214 11.56 -9.36 22.38
CA SER B 214 12.35 -10.48 22.88
C SER B 214 13.33 -10.02 23.96
N TRP B 215 13.96 -8.87 23.76
CA TRP B 215 14.80 -8.28 24.79
C TRP B 215 14.00 -7.52 25.83
N LEU B 216 12.74 -7.20 25.56
CA LEU B 216 11.93 -6.46 26.51
C LEU B 216 11.51 -7.33 27.69
N ALA B 217 11.47 -8.65 27.51
CA ALA B 217 11.02 -9.57 28.54
C ALA B 217 12.13 -10.54 28.96
N ILE B 218 13.39 -10.17 28.74
CA ILE B 218 14.49 -11.05 29.11
C ILE B 218 14.72 -11.03 30.62
N VAL B 219 14.41 -9.92 31.29
CA VAL B 219 14.57 -9.86 32.74
C VAL B 219 13.55 -10.78 33.41
N ALA B 220 12.30 -10.73 32.97
CA ALA B 220 11.28 -11.61 33.54
C ALA B 220 11.53 -13.06 33.17
N ALA B 221 11.95 -13.33 31.94
CA ALA B 221 12.14 -14.70 31.49
C ALA B 221 13.20 -15.43 32.28
N GLU B 222 14.33 -14.77 32.58
CA GLU B 222 15.43 -15.39 33.30
C GLU B 222 15.26 -15.34 34.81
N MET B 223 14.04 -15.15 35.29
CA MET B 223 13.74 -15.27 36.72
C MET B 223 13.67 -16.71 37.18
N LEU B 224 13.65 -17.67 36.26
CA LEU B 224 13.54 -19.08 36.57
C LEU B 224 14.79 -19.88 36.26
N VAL B 225 15.88 -19.22 35.87
CA VAL B 225 17.12 -19.90 35.52
C VAL B 225 18.23 -19.39 36.44
N GLY B 226 19.45 -19.88 36.21
CA GLY B 226 20.58 -19.48 37.02
C GLY B 226 20.95 -18.02 36.90
N GLY B 227 22.01 -17.60 37.57
CA GLY B 227 22.42 -16.21 37.58
C GLY B 227 23.16 -15.74 36.35
N VAL B 228 23.42 -16.62 35.40
CA VAL B 228 24.11 -16.26 34.17
C VAL B 228 23.09 -15.75 33.15
N GLY B 229 23.45 -14.69 32.44
CA GLY B 229 22.57 -14.12 31.44
C GLY B 229 22.05 -12.75 31.81
N ILE B 230 21.96 -11.85 30.83
CA ILE B 230 21.40 -10.52 31.07
C ILE B 230 19.92 -10.65 31.39
N GLY B 231 19.49 -9.99 32.46
CA GLY B 231 18.16 -10.16 32.99
C GLY B 231 18.23 -10.68 34.40
N SER B 232 19.13 -11.64 34.63
CA SER B 232 19.53 -11.98 35.99
C SER B 232 20.52 -10.94 36.52
N PHE B 233 21.42 -10.46 35.65
CA PHE B 233 22.34 -9.40 36.04
C PHE B 233 21.59 -8.10 36.33
N ILE B 234 20.54 -7.83 35.57
CA ILE B 234 19.74 -6.63 35.81
C ILE B 234 18.94 -6.78 37.09
N TRP B 235 18.37 -7.97 37.32
CA TRP B 235 17.49 -8.16 38.46
C TRP B 235 18.24 -8.09 39.79
N ASP B 236 19.35 -8.82 39.90
CA ASP B 236 20.09 -8.85 41.16
C ASP B 236 20.82 -7.54 41.45
N ALA B 237 21.16 -6.76 40.42
CA ALA B 237 21.70 -5.43 40.62
C ALA B 237 20.64 -4.43 41.04
N TYR B 238 19.38 -4.67 40.66
CA TYR B 238 18.29 -3.81 41.12
C TYR B 238 17.89 -4.13 42.55
N ASN B 239 17.98 -5.39 42.96
CA ASN B 239 17.60 -5.77 44.32
C ASN B 239 18.61 -5.26 45.34
N THR B 240 19.90 -5.33 45.02
CA THR B 240 20.96 -4.90 45.92
C THR B 240 21.48 -3.53 45.48
N THR B 241 21.43 -2.56 46.38
CA THR B 241 21.86 -1.21 46.09
C THR B 241 23.30 -1.02 46.53
N THR B 242 24.17 -0.67 45.58
CA THR B 242 25.57 -0.39 45.88
C THR B 242 25.95 0.98 45.35
N GLU B 243 27.24 1.33 45.43
CA GLU B 243 27.70 2.58 44.85
C GLU B 243 27.62 2.56 43.34
N THR B 244 28.08 1.47 42.71
CA THR B 244 27.95 1.29 41.27
C THR B 244 26.73 0.44 40.94
N ASN B 245 25.57 0.93 41.37
CA ASN B 245 24.32 0.20 41.18
C ASN B 245 23.62 0.61 39.88
N LEU B 246 23.30 1.89 39.74
CA LEU B 246 22.63 2.36 38.54
C LEU B 246 23.56 2.34 37.33
N SER B 247 24.86 2.55 37.55
CA SER B 247 25.81 2.52 36.44
C SER B 247 25.91 1.14 35.82
N GLU B 248 25.86 0.09 36.64
CA GLU B 248 25.99 -1.27 36.13
C GLU B 248 24.81 -1.63 35.22
N ILE B 249 23.60 -1.30 35.64
CA ILE B 249 22.44 -1.64 34.83
C ILE B 249 22.38 -0.80 33.56
N ILE B 250 22.85 0.45 33.61
CA ILE B 250 22.88 1.30 32.42
C ILE B 250 23.85 0.72 31.39
N LEU B 251 25.03 0.29 31.85
CA LEU B 251 26.00 -0.33 30.95
C LEU B 251 25.45 -1.62 30.36
N ALA B 252 24.73 -2.41 31.17
CA ALA B 252 24.13 -3.64 30.68
C ALA B 252 23.09 -3.35 29.60
N LEU B 253 22.30 -2.29 29.79
CA LEU B 253 21.30 -1.92 28.78
C LEU B 253 21.95 -1.47 27.49
N ILE B 254 23.11 -0.80 27.59
CA ILE B 254 23.85 -0.41 26.39
C ILE B 254 24.28 -1.64 25.61
N TYR B 255 24.77 -2.66 26.32
CA TYR B 255 25.15 -3.90 25.64
C TYR B 255 23.95 -4.57 24.98
N VAL B 256 22.80 -4.56 25.65
CA VAL B 256 21.58 -5.13 25.07
C VAL B 256 21.17 -4.34 23.83
N GLY B 257 21.21 -3.01 23.92
CA GLY B 257 20.81 -2.19 22.79
C GLY B 257 21.70 -2.37 21.58
N LEU B 258 23.02 -2.42 21.79
CA LEU B 258 23.94 -2.65 20.69
C LEU B 258 23.73 -4.01 20.05
N VAL B 259 23.52 -5.05 20.87
CA VAL B 259 23.21 -6.37 20.34
C VAL B 259 21.89 -6.34 19.59
N GLY B 260 20.89 -5.66 20.15
CA GLY B 260 19.62 -5.51 19.45
C GLY B 260 19.77 -4.73 18.15
N LEU B 261 20.66 -3.73 18.14
CA LEU B 261 20.93 -2.98 16.92
C LEU B 261 21.54 -3.87 15.85
N LEU B 262 22.46 -4.75 16.23
CA LEU B 262 23.01 -5.70 15.28
C LEU B 262 21.96 -6.69 14.80
N LEU B 263 21.08 -7.15 15.70
CA LEU B 263 20.02 -8.05 15.30
C LEU B 263 18.96 -7.34 14.45
N ASP B 264 18.74 -6.06 14.68
CA ASP B 264 17.79 -5.31 13.87
C ASP B 264 18.24 -5.25 12.40
N ARG B 265 19.53 -5.03 12.19
CA ARG B 265 20.08 -4.96 10.82
C ARG B 265 20.45 -6.38 10.36
N LEU B 266 19.41 -7.22 10.28
CA LEU B 266 19.59 -8.60 9.87
C LEU B 266 18.26 -9.19 9.42
N THR C 3 -23.18 -22.90 -29.49
CA THR C 3 -22.77 -21.77 -28.67
C THR C 3 -21.53 -22.11 -27.83
N PHE C 4 -20.75 -21.08 -27.49
CA PHE C 4 -19.55 -21.24 -26.68
C PHE C 4 -19.67 -20.58 -25.32
N VAL C 5 -19.97 -19.28 -25.29
CA VAL C 5 -20.27 -18.56 -24.06
C VAL C 5 -21.57 -17.81 -24.26
N GLU C 6 -22.49 -17.92 -23.30
CA GLU C 6 -23.82 -17.38 -23.44
C GLU C 6 -24.22 -16.66 -22.15
N ILE C 7 -25.04 -15.63 -22.29
CA ILE C 7 -25.45 -14.78 -21.18
C ILE C 7 -26.97 -14.71 -21.18
N ASP C 8 -27.60 -15.13 -20.08
CA ASP C 8 -29.06 -15.18 -20.05
C ASP C 8 -29.69 -13.83 -19.70
N HIS C 9 -29.57 -13.41 -18.43
CA HIS C 9 -30.29 -12.23 -17.97
C HIS C 9 -29.48 -11.47 -16.93
N VAL C 10 -28.18 -11.27 -17.18
CA VAL C 10 -27.34 -10.60 -16.18
C VAL C 10 -27.89 -9.20 -15.91
N ASP C 11 -27.92 -8.83 -14.63
CA ASP C 11 -28.52 -7.56 -14.19
C ASP C 11 -27.75 -7.13 -12.95
N ARG C 12 -26.78 -6.24 -13.13
CA ARG C 12 -25.86 -5.84 -12.07
C ARG C 12 -26.44 -4.67 -11.30
N ILE C 13 -26.53 -4.82 -9.97
CA ILE C 13 -26.95 -3.77 -9.06
C ILE C 13 -25.84 -3.53 -8.06
N PHE C 14 -25.50 -2.26 -7.86
CA PHE C 14 -24.48 -1.87 -6.90
C PHE C 14 -25.15 -1.20 -5.70
N ASP C 15 -24.64 -1.51 -4.51
CA ASP C 15 -25.32 -1.12 -3.28
C ASP C 15 -25.37 0.40 -3.12
N LEU C 16 -24.23 1.07 -3.22
CA LEU C 16 -24.09 2.50 -2.92
C LEU C 16 -24.69 2.72 -1.54
N PRO C 17 -23.99 2.33 -0.47
CA PRO C 17 -24.62 2.15 0.84
C PRO C 17 -25.48 3.32 1.33
N ASN C 18 -25.03 4.56 1.13
CA ASN C 18 -25.69 5.72 1.69
C ASN C 18 -26.76 6.23 0.72
N GLY C 19 -28.00 5.80 0.94
CA GLY C 19 -29.16 6.38 0.28
C GLY C 19 -29.18 6.30 -1.23
N GLY C 20 -28.93 5.13 -1.80
CA GLY C 20 -28.98 5.00 -3.25
C GLY C 20 -29.01 3.55 -3.67
N ARG C 21 -29.29 3.36 -4.97
CA ARG C 21 -29.34 2.04 -5.58
C ARG C 21 -29.05 2.22 -7.06
N TYR C 22 -27.82 1.91 -7.47
CA TYR C 22 -27.37 2.12 -8.84
C TYR C 22 -27.52 0.84 -9.63
N ILE C 23 -28.14 0.93 -10.80
CA ILE C 23 -28.35 -0.19 -11.69
C ILE C 23 -27.40 -0.02 -12.86
N ALA C 24 -26.24 -0.68 -12.78
CA ALA C 24 -25.25 -0.55 -13.85
C ALA C 24 -25.73 -1.24 -15.13
N LEU C 25 -26.27 -2.45 -15.00
CA LEU C 25 -26.70 -3.25 -16.15
C LEU C 25 -28.08 -3.82 -15.87
N LYS C 26 -28.77 -4.23 -16.95
CA LYS C 26 -30.05 -4.91 -16.80
C LYS C 26 -30.38 -5.65 -18.09
N ASN C 27 -30.81 -6.91 -17.96
CA ASN C 27 -31.39 -7.70 -19.05
C ASN C 27 -30.51 -7.69 -20.29
N ILE C 28 -29.31 -8.26 -20.14
CA ILE C 28 -28.37 -8.41 -21.24
C ILE C 28 -28.44 -9.85 -21.73
N GLU C 29 -28.82 -10.02 -22.99
CA GLU C 29 -28.82 -11.32 -23.64
C GLU C 29 -27.82 -11.30 -24.78
N LEU C 30 -26.89 -12.26 -24.78
CA LEU C 30 -25.84 -12.28 -25.78
C LEU C 30 -25.30 -13.70 -25.89
N LYS C 31 -25.13 -14.16 -27.13
CA LYS C 31 -24.59 -15.48 -27.41
C LYS C 31 -23.38 -15.32 -28.33
N ILE C 32 -22.23 -15.85 -27.91
CA ILE C 32 -20.99 -15.74 -28.68
C ILE C 32 -20.58 -17.15 -29.09
N LYS C 33 -20.40 -17.35 -30.40
CA LYS C 33 -19.97 -18.63 -30.92
C LYS C 33 -18.46 -18.78 -30.76
N GLN C 34 -17.99 -20.02 -30.87
CA GLN C 34 -16.58 -20.32 -30.70
C GLN C 34 -15.76 -19.70 -31.83
N GLY C 35 -14.64 -19.07 -31.47
CA GLY C 35 -13.77 -18.45 -32.43
C GLY C 35 -14.20 -17.08 -32.91
N GLU C 36 -15.25 -16.50 -32.32
CA GLU C 36 -15.81 -15.24 -32.78
C GLU C 36 -15.18 -14.07 -32.04
N PHE C 37 -14.88 -13.01 -32.77
CA PHE C 37 -14.33 -11.79 -32.21
C PHE C 37 -15.47 -10.78 -32.06
N VAL C 38 -15.73 -10.35 -30.83
CA VAL C 38 -16.85 -9.47 -30.51
C VAL C 38 -16.31 -8.21 -29.86
N SER C 39 -16.74 -7.05 -30.36
CA SER C 39 -16.42 -5.78 -29.75
C SER C 39 -17.57 -5.33 -28.85
N LEU C 40 -17.22 -4.49 -27.87
CA LEU C 40 -18.15 -4.06 -26.82
C LEU C 40 -18.07 -2.55 -26.65
N ILE C 41 -18.16 -1.82 -27.76
CA ILE C 41 -18.05 -0.37 -27.76
C ILE C 41 -19.19 0.26 -26.98
N GLY C 42 -19.02 1.53 -26.60
CA GLY C 42 -20.05 2.23 -25.87
C GLY C 42 -19.50 3.49 -25.25
N HIS C 43 -20.36 4.18 -24.51
CA HIS C 43 -19.95 5.39 -23.81
C HIS C 43 -19.06 5.04 -22.61
N SER C 44 -18.35 6.04 -22.12
CA SER C 44 -17.46 5.87 -20.97
C SER C 44 -18.29 5.84 -19.69
N GLY C 45 -18.16 4.76 -18.93
CA GLY C 45 -18.92 4.61 -17.70
C GLY C 45 -20.31 4.04 -17.87
N CYS C 46 -20.58 3.36 -18.98
CA CYS C 46 -21.91 2.80 -19.22
C CYS C 46 -22.06 1.37 -18.73
N GLY C 47 -20.95 0.65 -18.52
CA GLY C 47 -21.02 -0.71 -18.02
C GLY C 47 -20.29 -1.72 -18.88
N LYS C 48 -19.37 -1.26 -19.72
CA LYS C 48 -18.63 -2.18 -20.58
C LYS C 48 -17.70 -3.08 -19.75
N SER C 49 -16.98 -2.49 -18.80
CA SER C 49 -16.08 -3.29 -17.96
C SER C 49 -16.86 -4.18 -17.00
N THR C 50 -17.96 -3.67 -16.44
CA THR C 50 -18.76 -4.46 -15.52
C THR C 50 -19.32 -5.71 -16.21
N LEU C 51 -19.85 -5.55 -17.42
CA LEU C 51 -20.33 -6.70 -18.18
C LEU C 51 -19.18 -7.62 -18.56
N LEU C 52 -18.03 -7.05 -18.92
CA LEU C 52 -16.88 -7.85 -19.29
C LEU C 52 -16.36 -8.64 -18.09
N ASN C 53 -16.39 -8.03 -16.89
CA ASN C 53 -15.90 -8.71 -15.70
C ASN C 53 -16.78 -9.89 -15.33
N ILE C 54 -18.10 -9.76 -15.54
CA ILE C 54 -19.02 -10.84 -15.20
C ILE C 54 -18.71 -12.09 -16.04
N ILE C 55 -18.43 -11.89 -17.33
CA ILE C 55 -18.01 -13.00 -18.17
C ILE C 55 -16.69 -13.58 -17.67
N ALA C 56 -15.78 -12.71 -17.22
CA ALA C 56 -14.49 -13.17 -16.73
C ALA C 56 -14.61 -13.92 -15.41
N GLY C 57 -15.62 -13.59 -14.60
CA GLY C 57 -15.80 -14.19 -13.30
C GLY C 57 -15.38 -13.31 -12.14
N LEU C 58 -14.70 -12.19 -12.41
CA LEU C 58 -14.31 -11.27 -11.34
C LEU C 58 -15.50 -10.55 -10.73
N ASP C 59 -16.67 -10.59 -11.36
CA ASP C 59 -17.87 -9.96 -10.83
C ASP C 59 -19.01 -10.97 -10.88
N ARG C 60 -19.88 -10.90 -9.88
CA ARG C 60 -21.03 -11.80 -9.77
C ARG C 60 -22.30 -11.03 -10.13
N ALA C 61 -23.04 -11.55 -11.10
CA ALA C 61 -24.31 -10.95 -11.47
C ALA C 61 -25.33 -11.13 -10.36
N SER C 62 -26.09 -10.07 -10.08
CA SER C 62 -27.11 -10.13 -9.03
C SER C 62 -28.17 -11.17 -9.36
N ILE C 63 -28.88 -10.98 -10.48
CA ILE C 63 -29.83 -11.96 -10.99
C ILE C 63 -29.44 -12.29 -12.43
N GLY C 64 -29.41 -13.57 -12.74
CA GLY C 64 -28.96 -14.05 -14.03
C GLY C 64 -27.70 -14.89 -13.90
N GLY C 65 -27.10 -15.19 -15.05
CA GLY C 65 -25.89 -15.98 -15.05
C GLY C 65 -25.24 -15.99 -16.41
N VAL C 66 -23.98 -16.39 -16.43
CA VAL C 66 -23.20 -16.54 -17.66
C VAL C 66 -22.79 -18.00 -17.78
N THR C 67 -23.10 -18.61 -18.92
CA THR C 67 -22.82 -20.01 -19.17
C THR C 67 -21.73 -20.15 -20.22
N LEU C 68 -20.72 -20.96 -19.91
CA LEU C 68 -19.59 -21.20 -20.81
C LEU C 68 -19.50 -22.69 -21.07
N GLU C 69 -19.83 -23.09 -22.31
CA GLU C 69 -19.79 -24.49 -22.73
C GLU C 69 -20.66 -25.38 -21.84
N GLY C 70 -21.82 -24.85 -21.43
CA GLY C 70 -22.78 -25.62 -20.68
C GLY C 70 -22.60 -25.61 -19.18
N ARG C 71 -21.54 -25.01 -18.67
CA ARG C 71 -21.30 -24.93 -17.23
C ARG C 71 -21.28 -23.47 -16.79
N GLU C 72 -21.90 -23.20 -15.64
CA GLU C 72 -22.03 -21.85 -15.15
C GLU C 72 -20.66 -21.28 -14.75
N ILE C 73 -20.51 -19.98 -14.97
CA ILE C 73 -19.29 -19.25 -14.63
C ILE C 73 -19.49 -18.62 -13.26
N ARG C 74 -18.60 -18.95 -12.31
CA ARG C 74 -18.72 -18.40 -10.97
C ARG C 74 -17.38 -18.00 -10.35
N GLU C 75 -16.27 -18.11 -11.07
CA GLU C 75 -14.96 -17.76 -10.52
C GLU C 75 -14.00 -17.54 -11.68
N PRO C 76 -12.98 -16.71 -11.50
CA PRO C 76 -11.98 -16.52 -12.56
C PRO C 76 -11.20 -17.80 -12.82
N SER C 77 -10.80 -17.96 -14.08
CA SER C 77 -10.09 -19.15 -14.52
C SER C 77 -9.07 -18.76 -15.58
N PRO C 78 -7.95 -19.47 -15.67
CA PRO C 78 -6.91 -19.08 -16.64
C PRO C 78 -7.34 -19.16 -18.09
N ASP C 79 -8.34 -19.98 -18.42
CA ASP C 79 -8.83 -20.04 -19.80
C ASP C 79 -9.70 -18.84 -20.14
N ARG C 80 -9.78 -17.86 -19.25
CA ARG C 80 -10.50 -16.60 -19.45
C ARG C 80 -9.62 -15.43 -19.03
N MET C 81 -8.38 -15.43 -19.52
CA MET C 81 -7.42 -14.39 -19.16
C MET C 81 -7.95 -13.02 -19.57
N VAL C 82 -7.65 -12.02 -18.74
CA VAL C 82 -8.17 -10.68 -18.90
C VAL C 82 -7.01 -9.70 -19.01
N VAL C 83 -7.07 -8.82 -20.00
CA VAL C 83 -6.17 -7.68 -20.09
C VAL C 83 -6.81 -6.55 -19.31
N PHE C 84 -6.31 -6.30 -18.10
CA PHE C 84 -6.92 -5.36 -17.19
C PHE C 84 -6.72 -3.92 -17.67
N GLN C 85 -7.73 -3.08 -17.41
CA GLN C 85 -7.67 -1.70 -17.88
C GLN C 85 -6.58 -0.92 -17.15
N ASN C 86 -6.33 -1.25 -15.88
CA ASN C 86 -5.23 -0.66 -15.12
C ASN C 86 -3.94 -1.47 -15.23
N TYR C 87 -3.96 -2.54 -16.04
CA TYR C 87 -2.82 -3.37 -16.42
C TYR C 87 -2.34 -4.27 -15.27
N SER C 88 -2.83 -4.01 -14.06
CA SER C 88 -2.63 -4.85 -12.87
C SER C 88 -1.24 -5.49 -12.84
N LEU C 89 -0.22 -4.64 -12.92
CA LEU C 89 1.15 -5.13 -12.93
C LEU C 89 1.69 -5.28 -11.51
N LEU C 90 2.58 -6.25 -11.34
CA LEU C 90 3.21 -6.49 -10.04
C LEU C 90 4.50 -5.68 -9.99
N PRO C 91 4.62 -4.70 -9.09
CA PRO C 91 5.79 -3.80 -9.13
C PRO C 91 7.10 -4.47 -8.76
N TRP C 92 7.07 -5.63 -8.10
CA TRP C 92 8.29 -6.28 -7.67
C TRP C 92 8.84 -7.28 -8.70
N LEU C 93 8.16 -7.43 -9.84
CA LEU C 93 8.61 -8.32 -10.90
C LEU C 93 8.92 -7.52 -12.15
N THR C 94 9.95 -7.95 -12.88
CA THR C 94 10.33 -7.30 -14.12
C THR C 94 9.33 -7.61 -15.22
N VAL C 95 9.61 -7.12 -16.43
CA VAL C 95 8.76 -7.39 -17.57
C VAL C 95 8.77 -8.89 -17.88
N ARG C 96 9.96 -9.50 -17.88
CA ARG C 96 10.05 -10.93 -18.12
C ARG C 96 9.38 -11.73 -17.03
N GLU C 97 9.55 -11.31 -15.77
CA GLU C 97 8.96 -12.05 -14.65
C GLU C 97 7.44 -11.89 -14.61
N ASN C 98 6.92 -10.73 -15.00
CA ASN C 98 5.47 -10.55 -15.04
C ASN C 98 4.84 -11.49 -16.06
N VAL C 99 5.45 -11.61 -17.24
CA VAL C 99 4.97 -12.59 -18.21
C VAL C 99 5.23 -14.01 -17.73
N ALA C 100 6.36 -14.23 -17.05
CA ALA C 100 6.68 -15.56 -16.55
C ALA C 100 5.65 -16.03 -15.53
N LEU C 101 5.21 -15.14 -14.64
CA LEU C 101 4.21 -15.53 -13.65
C LEU C 101 2.92 -16.00 -14.31
N ALA C 102 2.52 -15.33 -15.39
CA ALA C 102 1.32 -15.75 -16.12
C ALA C 102 1.50 -17.16 -16.68
N VAL C 103 2.50 -17.36 -17.53
CA VAL C 103 2.77 -18.70 -18.01
C VAL C 103 3.78 -19.41 -17.12
N ASP C 104 3.31 -19.83 -15.95
CA ASP C 104 3.92 -20.89 -15.15
C ASP C 104 2.89 -21.83 -14.53
N GLU C 105 1.64 -21.41 -14.37
CA GLU C 105 0.58 -22.23 -13.81
C GLU C 105 -0.30 -22.84 -14.88
N VAL C 106 -0.48 -22.16 -16.01
CA VAL C 106 -1.27 -22.71 -17.10
C VAL C 106 -0.54 -23.87 -17.76
N TYR C 107 0.79 -23.85 -17.77
CA TYR C 107 1.57 -24.86 -18.46
C TYR C 107 2.59 -25.51 -17.52
N GLN C 108 2.15 -25.92 -16.34
CA GLN C 108 3.03 -26.63 -15.42
C GLN C 108 3.46 -27.95 -16.03
N GLY C 109 4.72 -28.31 -15.81
CA GLY C 109 5.28 -29.51 -16.41
C GLY C 109 5.66 -29.30 -17.86
N LYS C 110 6.53 -28.31 -18.11
CA LYS C 110 6.95 -27.97 -19.47
C LYS C 110 8.48 -27.95 -19.56
N SER C 111 9.17 -28.51 -18.56
CA SER C 111 10.62 -28.68 -18.48
C SER C 111 11.37 -27.37 -18.29
N LYS C 112 10.68 -26.23 -18.18
CA LYS C 112 11.28 -24.94 -17.87
C LYS C 112 12.14 -24.44 -19.03
N GLY C 113 12.32 -25.27 -20.06
CA GLY C 113 13.06 -24.87 -21.23
C GLY C 113 12.18 -24.25 -22.28
N GLU C 114 11.04 -24.90 -22.55
CA GLU C 114 10.07 -24.33 -23.48
C GLU C 114 9.38 -23.12 -22.89
N ARG C 115 9.20 -23.08 -21.56
CA ARG C 115 8.54 -21.94 -20.93
C ARG C 115 9.33 -20.66 -21.14
N ARG C 116 10.66 -20.73 -21.04
CA ARG C 116 11.48 -19.56 -21.29
C ARG C 116 11.34 -19.08 -22.74
N ALA C 117 11.24 -20.02 -23.68
CA ALA C 117 11.06 -19.64 -25.08
C ALA C 117 9.71 -18.97 -25.29
N ILE C 118 8.66 -19.46 -24.62
CA ILE C 118 7.32 -18.88 -24.77
C ILE C 118 7.31 -17.44 -24.28
N ILE C 119 7.96 -17.18 -23.14
CA ILE C 119 8.00 -15.83 -22.60
C ILE C 119 8.75 -14.91 -23.55
N GLU C 120 9.91 -15.35 -24.05
CA GLU C 120 10.75 -14.49 -24.87
C GLU C 120 10.09 -14.15 -26.20
N GLU C 121 9.44 -15.14 -26.84
CA GLU C 121 8.83 -14.87 -28.14
C GLU C 121 7.55 -14.05 -28.01
N HIS C 122 6.87 -14.11 -26.86
CA HIS C 122 5.74 -13.23 -26.64
C HIS C 122 6.20 -11.81 -26.32
N ILE C 123 7.39 -11.67 -25.73
CA ILE C 123 7.99 -10.35 -25.58
C ILE C 123 8.34 -9.77 -26.95
N ASP C 124 8.75 -10.63 -27.88
CA ASP C 124 9.04 -10.18 -29.25
C ASP C 124 7.81 -9.59 -29.92
N MET C 125 6.65 -10.19 -29.69
CA MET C 125 5.42 -9.73 -30.34
C MET C 125 5.09 -8.29 -29.96
N VAL C 126 5.24 -7.95 -28.67
CA VAL C 126 4.96 -6.59 -28.23
C VAL C 126 6.20 -5.70 -28.26
N GLY C 127 7.35 -6.23 -28.67
CA GLY C 127 8.54 -5.42 -28.83
C GLY C 127 9.12 -4.83 -27.56
N LEU C 128 9.21 -5.62 -26.49
CA LEU C 128 9.81 -5.17 -25.23
C LEU C 128 11.10 -5.91 -24.91
N ARG C 129 11.87 -6.30 -25.93
CA ARG C 129 13.11 -7.04 -25.69
C ARG C 129 14.12 -6.19 -24.91
N LEU C 130 14.26 -4.92 -25.27
CA LEU C 130 15.24 -4.05 -24.62
C LEU C 130 14.80 -3.62 -23.22
N ALA C 131 13.69 -4.14 -22.71
CA ALA C 131 13.22 -3.76 -21.38
C ALA C 131 12.71 -4.96 -20.58
N ALA C 132 13.14 -6.18 -20.91
CA ALA C 132 12.68 -7.36 -20.19
C ALA C 132 13.18 -7.41 -18.75
N ASN C 133 14.15 -6.57 -18.39
CA ASN C 133 14.70 -6.54 -17.04
C ASN C 133 14.33 -5.26 -16.29
N LYS C 134 13.24 -4.62 -16.67
CA LYS C 134 12.80 -3.38 -16.04
C LYS C 134 11.51 -3.61 -15.27
N ARG C 135 11.42 -3.00 -14.09
CA ARG C 135 10.23 -3.06 -13.26
C ARG C 135 9.15 -2.13 -13.80
N PRO C 136 7.88 -2.36 -13.43
CA PRO C 136 6.82 -1.45 -13.88
C PRO C 136 7.03 -0.02 -13.44
N SER C 137 7.74 0.20 -12.33
CA SER C 137 7.99 1.57 -11.87
C SER C 137 8.89 2.35 -12.82
N GLU C 138 9.62 1.66 -13.71
CA GLU C 138 10.51 2.31 -14.66
C GLU C 138 10.09 2.04 -16.10
N LEU C 139 8.79 1.89 -16.32
CA LEU C 139 8.19 1.76 -17.63
C LEU C 139 7.32 2.98 -17.92
N SER C 140 6.63 2.94 -19.06
CA SER C 140 5.67 3.98 -19.44
C SER C 140 4.27 3.38 -19.49
N GLY C 141 3.28 4.24 -19.69
CA GLY C 141 1.90 3.78 -19.71
C GLY C 141 1.63 2.82 -20.86
N GLY C 142 2.07 3.18 -22.07
CA GLY C 142 1.94 2.28 -23.19
C GLY C 142 2.80 1.04 -23.04
N MET C 143 3.99 1.21 -22.47
CA MET C 143 4.86 0.07 -22.22
C MET C 143 4.24 -0.91 -21.22
N LYS C 144 3.59 -0.37 -20.19
CA LYS C 144 2.92 -1.22 -19.21
C LYS C 144 1.74 -1.95 -19.83
N GLN C 145 1.08 -1.33 -20.80
CA GLN C 145 -0.06 -1.97 -21.44
C GLN C 145 0.38 -3.16 -22.28
N ARG C 146 1.52 -3.04 -22.98
CA ARG C 146 1.96 -4.10 -23.87
C ARG C 146 2.33 -5.37 -23.11
N VAL C 147 3.01 -5.22 -21.97
CA VAL C 147 3.37 -6.40 -21.17
C VAL C 147 2.12 -7.02 -20.57
N ALA C 148 1.08 -6.22 -20.34
CA ALA C 148 -0.18 -6.76 -19.82
C ALA C 148 -0.82 -7.71 -20.83
N ILE C 149 -0.79 -7.35 -22.12
CA ILE C 149 -1.36 -8.24 -23.14
C ILE C 149 -0.37 -9.34 -23.50
N ALA C 150 0.92 -9.11 -23.28
CA ALA C 150 1.91 -10.15 -23.55
C ALA C 150 1.72 -11.36 -22.63
N ARG C 151 1.42 -11.10 -21.35
CA ARG C 151 1.19 -12.20 -20.42
C ARG C 151 -0.16 -12.87 -20.66
N ALA C 152 -1.12 -12.14 -21.23
CA ALA C 152 -2.43 -12.73 -21.52
C ALA C 152 -2.38 -13.67 -22.71
N LEU C 153 -1.66 -13.28 -23.76
CA LEU C 153 -1.58 -14.12 -24.96
C LEU C 153 -0.69 -15.34 -24.76
N ALA C 154 0.21 -15.30 -23.77
CA ALA C 154 1.10 -16.44 -23.53
C ALA C 154 0.35 -17.66 -23.04
N THR C 155 -0.79 -17.48 -22.36
CA THR C 155 -1.55 -18.59 -21.83
C THR C 155 -2.46 -19.25 -22.86
N ARG C 156 -2.67 -18.61 -24.01
CA ARG C 156 -3.57 -19.10 -25.05
C ARG C 156 -4.95 -19.47 -24.49
N PRO C 157 -5.71 -18.49 -23.98
CA PRO C 157 -7.01 -18.79 -23.38
C PRO C 157 -8.02 -19.27 -24.41
N LYS C 158 -8.95 -20.11 -23.95
CA LYS C 158 -10.08 -20.47 -24.79
C LYS C 158 -10.93 -19.26 -25.10
N LEU C 159 -11.19 -18.42 -24.10
CA LEU C 159 -11.90 -17.16 -24.26
C LEU C 159 -10.99 -16.03 -23.78
N LEU C 160 -10.81 -15.02 -24.63
CA LEU C 160 -9.92 -13.90 -24.34
C LEU C 160 -10.75 -12.65 -24.11
N LEU C 161 -10.57 -12.02 -22.96
CA LEU C 161 -11.29 -10.81 -22.61
C LEU C 161 -10.34 -9.63 -22.61
N LEU C 162 -10.62 -8.63 -23.45
CA LEU C 162 -9.76 -7.48 -23.62
C LEU C 162 -10.50 -6.22 -23.17
N ASP C 163 -9.86 -5.44 -22.29
CA ASP C 163 -10.42 -4.20 -21.78
C ASP C 163 -9.48 -3.06 -22.15
N GLN C 164 -9.80 -2.37 -23.24
CA GLN C 164 -8.98 -1.28 -23.76
C GLN C 164 -7.51 -1.70 -23.92
N PRO C 165 -7.22 -2.72 -24.73
CA PRO C 165 -5.85 -3.24 -24.81
C PRO C 165 -4.90 -2.36 -25.62
N PHE C 166 -5.40 -1.38 -26.36
CA PHE C 166 -4.55 -0.54 -27.20
C PHE C 166 -4.75 0.95 -26.92
N GLY C 167 -5.26 1.29 -25.73
CA GLY C 167 -5.58 2.69 -25.46
C GLY C 167 -4.36 3.59 -25.41
N ALA C 168 -3.28 3.12 -24.80
CA ALA C 168 -2.09 3.93 -24.60
C ALA C 168 -1.00 3.66 -25.63
N LEU C 169 -1.39 3.26 -26.84
CA LEU C 169 -0.45 2.95 -27.91
C LEU C 169 -0.56 3.99 -29.02
N ASP C 170 0.56 4.22 -29.71
CA ASP C 170 0.59 5.17 -30.82
C ASP C 170 0.01 4.52 -32.07
N ALA C 171 0.16 5.18 -33.21
CA ALA C 171 -0.46 4.70 -34.44
C ALA C 171 0.18 3.39 -34.92
N LEU C 172 1.51 3.35 -34.97
CA LEU C 172 2.18 2.19 -35.54
C LEU C 172 2.06 0.96 -34.65
N THR C 173 2.34 1.12 -33.36
CA THR C 173 2.30 -0.03 -32.46
C THR C 173 0.89 -0.60 -32.33
N ARG C 174 -0.10 0.28 -32.22
CA ARG C 174 -1.49 -0.21 -32.15
C ARG C 174 -1.88 -0.94 -33.42
N GLY C 175 -1.53 -0.39 -34.59
CA GLY C 175 -1.79 -1.08 -35.83
C GLY C 175 -1.00 -2.37 -35.95
N SER C 176 0.26 -2.35 -35.50
CA SER C 176 1.07 -3.57 -35.52
C SER C 176 0.55 -4.60 -34.53
N LEU C 177 0.05 -4.16 -33.36
CA LEU C 177 -0.47 -5.07 -32.36
C LEU C 177 -1.91 -5.50 -32.64
N GLN C 178 -2.63 -4.78 -33.50
CA GLN C 178 -3.89 -5.31 -34.00
C GLN C 178 -3.63 -6.57 -34.82
N GLU C 179 -2.60 -6.54 -35.66
CA GLU C 179 -2.05 -7.78 -36.20
C GLU C 179 -1.29 -8.52 -35.09
N GLN C 180 -1.03 -9.80 -35.34
CA GLN C 180 -0.51 -10.75 -34.36
C GLN C 180 -1.51 -11.03 -33.24
N LEU C 181 -2.66 -10.38 -33.24
CA LEU C 181 -3.78 -10.70 -32.37
C LEU C 181 -4.92 -11.40 -33.09
N MET C 182 -5.25 -10.95 -34.31
CA MET C 182 -6.26 -11.62 -35.11
C MET C 182 -5.76 -12.94 -35.69
N LYS C 183 -4.45 -13.07 -35.92
CA LYS C 183 -3.93 -14.35 -36.41
C LYS C 183 -3.84 -15.38 -35.29
N ILE C 184 -3.61 -14.95 -34.04
CA ILE C 184 -3.74 -15.87 -32.92
C ILE C 184 -5.19 -16.34 -32.79
N CYS C 185 -6.14 -15.42 -32.95
CA CYS C 185 -7.54 -15.80 -33.01
C CYS C 185 -7.83 -16.66 -34.25
N ASN C 186 -7.03 -16.54 -35.30
CA ASN C 186 -7.21 -17.34 -36.51
C ASN C 186 -6.48 -18.67 -36.41
N GLU C 187 -5.18 -18.65 -36.09
CA GLU C 187 -4.41 -19.88 -35.96
C GLU C 187 -4.98 -20.74 -34.82
N HIS C 188 -4.94 -20.23 -33.60
CA HIS C 188 -5.56 -20.92 -32.48
C HIS C 188 -7.04 -20.57 -32.40
N GLN C 189 -7.84 -21.53 -31.92
CA GLN C 189 -9.29 -21.34 -31.81
C GLN C 189 -9.57 -20.51 -30.56
N ILE C 190 -9.42 -19.19 -30.71
CA ILE C 190 -9.60 -18.25 -29.61
C ILE C 190 -10.78 -17.36 -29.94
N THR C 191 -11.76 -17.30 -29.03
CA THR C 191 -12.85 -16.35 -29.12
C THR C 191 -12.53 -15.15 -28.23
N CYS C 192 -12.70 -13.95 -28.78
CA CYS C 192 -12.27 -12.73 -28.11
C CYS C 192 -13.45 -11.80 -27.90
N VAL C 193 -13.54 -11.26 -26.68
CA VAL C 193 -14.47 -10.18 -26.35
C VAL C 193 -13.63 -8.95 -26.02
N MET C 194 -13.83 -7.88 -26.79
CA MET C 194 -12.98 -6.70 -26.71
C MET C 194 -13.81 -5.47 -26.38
N VAL C 195 -13.30 -4.66 -25.45
CA VAL C 195 -13.87 -3.36 -25.13
C VAL C 195 -12.95 -2.30 -25.68
N THR C 196 -13.45 -1.50 -26.61
CA THR C 196 -12.64 -0.51 -27.29
C THR C 196 -13.43 0.78 -27.48
N HIS C 197 -12.70 1.90 -27.61
CA HIS C 197 -13.29 3.19 -27.88
C HIS C 197 -12.96 3.71 -29.28
N ASP C 198 -12.13 3.00 -30.04
CA ASP C 198 -11.75 3.40 -31.38
C ASP C 198 -12.61 2.64 -32.38
N VAL C 199 -13.40 3.38 -33.16
CA VAL C 199 -14.30 2.75 -34.12
C VAL C 199 -13.53 2.09 -35.25
N ASP C 200 -12.46 2.74 -35.71
CA ASP C 200 -11.70 2.23 -36.85
C ASP C 200 -11.04 0.88 -36.56
N GLU C 201 -10.84 0.54 -35.28
CA GLU C 201 -10.26 -0.75 -34.93
C GLU C 201 -11.31 -1.79 -34.55
N ALA C 202 -12.49 -1.36 -34.12
CA ALA C 202 -13.57 -2.31 -33.84
C ALA C 202 -14.02 -3.00 -35.12
N LEU C 203 -14.15 -2.25 -36.22
CA LEU C 203 -14.55 -2.84 -37.49
C LEU C 203 -13.48 -3.76 -38.04
N LEU C 204 -12.21 -3.45 -37.83
CA LEU C 204 -11.13 -4.24 -38.39
C LEU C 204 -11.03 -5.61 -37.74
N LEU C 205 -11.30 -5.69 -36.43
CA LEU C 205 -11.08 -6.93 -35.67
C LEU C 205 -12.35 -7.75 -35.49
N SER C 206 -13.46 -7.13 -35.11
CA SER C 206 -14.64 -7.86 -34.67
C SER C 206 -15.35 -8.53 -35.84
N ASP C 207 -16.25 -9.45 -35.49
CA ASP C 207 -17.22 -10.02 -36.42
C ASP C 207 -18.59 -9.37 -36.28
N ARG C 208 -18.97 -9.01 -35.05
CA ARG C 208 -20.14 -8.18 -34.81
C ARG C 208 -19.83 -7.28 -33.63
N VAL C 209 -20.51 -6.13 -33.59
CA VAL C 209 -20.21 -5.08 -32.63
C VAL C 209 -21.41 -4.95 -31.70
N VAL C 210 -21.21 -5.29 -30.42
CA VAL C 210 -22.23 -5.06 -29.41
C VAL C 210 -22.14 -3.62 -28.92
N MET C 211 -23.28 -2.93 -28.92
CA MET C 211 -23.31 -1.49 -28.67
C MET C 211 -24.20 -1.23 -27.46
N LEU C 212 -23.58 -0.95 -26.31
CA LEU C 212 -24.32 -0.74 -25.08
C LEU C 212 -24.95 0.65 -25.05
N THR C 213 -25.90 0.82 -24.13
CA THR C 213 -26.65 2.07 -24.01
C THR C 213 -26.13 2.90 -22.85
N ASN C 214 -25.94 4.19 -23.10
CA ASN C 214 -25.44 5.10 -22.08
C ASN C 214 -26.45 5.24 -20.94
N GLY C 215 -25.93 5.55 -19.75
CA GLY C 215 -26.75 5.80 -18.59
C GLY C 215 -27.02 4.54 -17.78
N PRO C 216 -27.72 4.72 -16.65
CA PRO C 216 -28.03 3.57 -15.80
C PRO C 216 -29.00 2.61 -16.50
N GLU C 217 -29.02 1.38 -15.98
CA GLU C 217 -29.84 0.30 -16.55
C GLU C 217 -29.46 0.06 -18.01
N ALA C 218 -28.15 -0.04 -18.26
CA ALA C 218 -27.66 -0.20 -19.62
C ALA C 218 -28.07 -1.54 -20.19
N HIS C 219 -28.45 -1.54 -21.48
CA HIS C 219 -28.80 -2.74 -22.20
C HIS C 219 -28.16 -2.69 -23.58
N ILE C 220 -28.14 -3.85 -24.26
CA ILE C 220 -27.51 -3.94 -25.57
C ILE C 220 -28.38 -3.24 -26.59
N GLY C 221 -27.87 -2.17 -27.18
CA GLY C 221 -28.58 -1.44 -28.21
C GLY C 221 -28.65 -2.18 -29.53
N GLN C 222 -27.50 -2.34 -30.19
CA GLN C 222 -27.42 -2.99 -31.49
C GLN C 222 -26.28 -4.00 -31.50
N ILE C 223 -26.45 -5.04 -32.30
CA ILE C 223 -25.46 -6.11 -32.42
C ILE C 223 -25.06 -6.19 -33.89
N LEU C 224 -24.99 -5.03 -34.55
CA LEU C 224 -24.69 -5.00 -35.98
C LEU C 224 -23.36 -5.70 -36.28
N GLU C 225 -23.36 -6.48 -37.35
CA GLU C 225 -22.22 -7.32 -37.72
C GLU C 225 -21.56 -6.78 -38.98
N VAL C 226 -20.25 -6.98 -39.06
CA VAL C 226 -19.47 -6.53 -40.21
C VAL C 226 -19.43 -7.67 -41.23
N PRO C 227 -19.93 -7.47 -42.45
CA PRO C 227 -19.88 -8.52 -43.49
C PRO C 227 -18.61 -8.44 -44.32
N ILE C 228 -17.46 -8.48 -43.66
CA ILE C 228 -16.16 -8.37 -44.30
C ILE C 228 -15.45 -9.70 -44.20
N SER C 229 -14.66 -10.03 -45.22
CA SER C 229 -13.91 -11.28 -45.23
C SER C 229 -12.95 -11.34 -44.06
N ARG C 230 -12.76 -12.54 -43.51
CA ARG C 230 -11.94 -12.69 -42.31
C ARG C 230 -10.50 -12.22 -42.48
N PRO C 231 -9.77 -12.53 -43.58
CA PRO C 231 -8.42 -11.98 -43.73
C PRO C 231 -8.45 -10.48 -44.01
N ARG C 232 -8.08 -9.68 -43.02
CA ARG C 232 -8.13 -8.23 -43.11
C ARG C 232 -6.74 -7.64 -42.88
N GLN C 233 -6.39 -6.64 -43.68
CA GLN C 233 -5.07 -6.01 -43.61
C GLN C 233 -5.16 -4.51 -43.35
N ARG C 234 -6.34 -4.02 -42.92
CA ARG C 234 -6.59 -2.64 -42.52
C ARG C 234 -6.55 -1.67 -43.69
N LEU C 235 -6.22 -2.13 -44.90
CA LEU C 235 -6.16 -1.27 -46.07
C LEU C 235 -7.32 -1.48 -47.02
N GLU C 236 -7.60 -2.72 -47.42
CA GLU C 236 -8.71 -3.00 -48.32
C GLU C 236 -10.05 -2.96 -47.61
N VAL C 237 -10.08 -3.13 -46.28
CA VAL C 237 -11.35 -3.10 -45.55
C VAL C 237 -11.97 -1.70 -45.61
N VAL C 238 -11.13 -0.66 -45.59
CA VAL C 238 -11.63 0.70 -45.74
C VAL C 238 -12.22 0.91 -47.13
N LYS C 239 -11.62 0.28 -48.13
CA LYS C 239 -12.09 0.43 -49.51
C LYS C 239 -13.47 -0.18 -49.73
N HIS C 240 -13.94 -1.02 -48.82
CA HIS C 240 -15.27 -1.59 -48.96
C HIS C 240 -16.31 -0.49 -48.88
N PRO C 241 -17.30 -0.48 -49.78
CA PRO C 241 -18.37 0.53 -49.67
C PRO C 241 -19.16 0.44 -48.38
N SER C 242 -19.33 -0.77 -47.83
CA SER C 242 -20.09 -0.93 -46.60
C SER C 242 -19.32 -0.51 -45.36
N TYR C 243 -17.99 -0.33 -45.47
CA TYR C 243 -17.19 0.01 -44.30
C TYR C 243 -17.63 1.33 -43.69
N TYR C 244 -17.76 2.37 -44.52
CA TYR C 244 -18.19 3.66 -44.01
C TYR C 244 -19.65 3.63 -43.54
N ASN C 245 -20.48 2.81 -44.18
N ASN C 245 -20.48 2.81 -44.18
CA ASN C 245 -21.88 2.72 -43.77
CA ASN C 245 -21.88 2.72 -43.77
C ASN C 245 -22.00 2.19 -42.34
C ASN C 245 -22.00 2.19 -42.34
N LEU C 246 -21.22 1.16 -42.01
CA LEU C 246 -21.19 0.66 -40.63
C LEU C 246 -20.57 1.68 -39.68
N ARG C 247 -19.51 2.35 -40.13
CA ARG C 247 -18.82 3.30 -39.27
C ARG C 247 -19.73 4.46 -38.88
N ASN C 248 -20.45 5.03 -39.85
CA ASN C 248 -21.37 6.11 -39.54
C ASN C 248 -22.54 5.63 -38.70
N GLU C 249 -22.94 4.36 -38.86
CA GLU C 249 -23.97 3.80 -37.98
C GLU C 249 -23.48 3.74 -36.53
N ILE C 250 -22.20 3.40 -36.33
CA ILE C 250 -21.63 3.38 -35.00
C ILE C 250 -21.63 4.79 -34.39
N ILE C 251 -21.18 5.77 -35.17
CA ILE C 251 -21.17 7.15 -34.68
C ILE C 251 -22.59 7.66 -34.50
N TYR C 252 -23.55 7.14 -35.29
CA TYR C 252 -24.93 7.58 -35.16
C TYR C 252 -25.50 7.24 -33.78
N PHE C 253 -25.37 5.98 -33.36
CA PHE C 253 -25.94 5.59 -32.07
C PHE C 253 -25.19 6.26 -30.91
N LEU C 254 -23.88 6.44 -31.06
CA LEU C 254 -23.11 7.12 -30.02
C LEU C 254 -23.55 8.57 -29.85
N ASN C 255 -23.98 9.22 -30.94
CA ASN C 255 -24.43 10.60 -30.84
C ASN C 255 -25.81 10.69 -30.19
N GLN C 256 -26.70 9.75 -30.51
CA GLN C 256 -28.05 9.78 -29.95
C GLN C 256 -28.07 9.46 -28.45
N GLN C 257 -26.99 8.94 -27.90
CA GLN C 257 -26.90 8.68 -26.46
C GLN C 257 -26.33 9.86 -25.68
N LYS C 258 -26.04 10.97 -26.35
CA LYS C 258 -25.51 12.15 -25.69
C LYS C 258 -26.51 12.74 -24.69
N ASN D 19 11.41 33.05 -24.47
CA ASN D 19 10.74 34.23 -23.95
C ASN D 19 9.75 33.86 -22.86
N PHE D 20 9.03 32.75 -23.06
CA PHE D 20 8.06 32.26 -22.09
C PHE D 20 8.46 30.92 -21.47
N LEU D 21 8.72 29.91 -22.30
CA LEU D 21 9.12 28.59 -21.85
C LEU D 21 10.22 28.08 -22.76
N VAL D 22 11.44 27.99 -22.23
CA VAL D 22 12.61 27.62 -23.01
C VAL D 22 13.17 26.31 -22.48
N VAL D 23 13.35 25.35 -23.37
CA VAL D 23 14.02 24.09 -23.06
C VAL D 23 15.38 24.16 -23.74
N GLU D 24 16.44 24.19 -22.93
CA GLU D 24 17.79 24.47 -23.42
C GLU D 24 18.64 23.21 -23.29
N GLY D 25 18.63 22.38 -24.34
CA GLY D 25 19.52 21.25 -24.44
C GLY D 25 19.46 20.26 -23.30
N VAL D 26 18.25 19.91 -22.87
CA VAL D 26 18.08 18.99 -21.75
C VAL D 26 18.39 17.57 -22.20
N SER D 27 18.73 16.73 -21.23
CA SER D 27 18.99 15.31 -21.47
C SER D 27 18.64 14.53 -20.22
N LYS D 28 18.40 13.23 -20.40
CA LYS D 28 18.02 12.36 -19.29
C LYS D 28 18.79 11.06 -19.40
N ILE D 29 19.53 10.72 -18.35
CA ILE D 29 20.24 9.45 -18.24
C ILE D 29 19.73 8.74 -17.00
N TYR D 30 19.28 7.50 -17.18
CA TYR D 30 18.73 6.71 -16.09
C TYR D 30 19.73 5.64 -15.69
N PRO D 31 20.25 5.66 -14.46
CA PRO D 31 21.22 4.65 -14.04
C PRO D 31 20.56 3.29 -13.87
N THR D 32 20.99 2.32 -14.67
N THR D 32 20.99 2.32 -14.67
CA THR D 32 20.49 0.96 -14.63
CA THR D 32 20.49 0.96 -14.63
C THR D 32 21.58 0.00 -14.23
C THR D 32 21.58 0.00 -14.23
N PRO D 33 21.22 -1.17 -13.68
CA PRO D 33 22.26 -2.16 -13.33
C PRO D 33 23.07 -2.65 -14.52
N GLU D 34 22.54 -2.56 -15.75
CA GLU D 34 23.26 -2.96 -16.94
C GLU D 34 24.05 -1.80 -17.55
N GLY D 35 24.04 -0.64 -16.91
CA GLY D 35 24.77 0.51 -17.41
C GLY D 35 23.91 1.75 -17.47
N PRO D 36 24.34 2.75 -18.24
CA PRO D 36 23.54 3.97 -18.38
C PRO D 36 22.56 3.88 -19.54
N TYR D 37 21.33 4.32 -19.32
CA TYR D 37 20.29 4.33 -20.34
C TYR D 37 19.94 5.76 -20.68
N THR D 38 20.02 6.11 -21.96
CA THR D 38 19.77 7.47 -22.42
C THR D 38 18.34 7.57 -22.95
N VAL D 39 17.58 8.50 -22.38
CA VAL D 39 16.21 8.74 -22.80
C VAL D 39 16.11 10.01 -23.65
N LEU D 40 16.70 11.11 -23.19
CA LEU D 40 16.62 12.39 -23.86
C LEU D 40 18.03 12.87 -24.21
N ASP D 41 18.13 13.60 -25.32
CA ASP D 41 19.43 14.08 -25.80
C ASP D 41 19.21 15.32 -26.63
N GLY D 42 19.55 16.48 -26.08
CA GLY D 42 19.57 17.72 -26.84
C GLY D 42 18.23 18.21 -27.36
N ILE D 43 17.21 18.20 -26.51
CA ILE D 43 15.89 18.71 -26.88
C ILE D 43 15.86 20.22 -26.65
N ASP D 44 15.47 20.96 -27.68
CA ASP D 44 15.34 22.40 -27.60
C ASP D 44 13.91 22.80 -27.97
N LEU D 45 13.31 23.65 -27.15
CA LEU D 45 11.95 24.13 -27.41
C LEU D 45 11.85 25.59 -27.02
N LYS D 46 10.99 26.32 -27.74
CA LYS D 46 10.69 27.72 -27.46
C LYS D 46 9.19 27.88 -27.57
N VAL D 47 8.49 27.67 -26.46
CA VAL D 47 7.03 27.75 -26.40
C VAL D 47 6.66 29.15 -25.91
N ARG D 48 5.90 29.88 -26.72
CA ARG D 48 5.47 31.22 -26.36
C ARG D 48 4.18 31.15 -25.55
N GLU D 49 3.86 32.27 -24.90
CA GLU D 49 2.69 32.33 -24.03
C GLU D 49 1.42 32.11 -24.84
N GLY D 50 0.54 31.26 -24.31
CA GLY D 50 -0.74 31.01 -24.91
C GLY D 50 -0.75 30.03 -26.07
N GLU D 51 0.39 29.41 -26.37
CA GLU D 51 0.46 28.46 -27.47
C GLU D 51 -0.11 27.11 -27.07
N PHE D 52 -0.47 26.32 -28.08
CA PHE D 52 -0.93 24.94 -27.89
C PHE D 52 0.05 24.03 -28.61
N VAL D 53 0.70 23.15 -27.85
CA VAL D 53 1.71 22.24 -28.40
C VAL D 53 1.27 20.82 -28.08
N CYS D 54 1.22 19.98 -29.12
CA CYS D 54 0.94 18.56 -28.97
C CYS D 54 2.21 17.78 -29.25
N LEU D 55 2.63 16.96 -28.29
CA LEU D 55 3.83 16.16 -28.40
C LEU D 55 3.42 14.71 -28.69
N ILE D 56 3.70 14.25 -29.90
CA ILE D 56 3.33 12.91 -30.33
C ILE D 56 4.60 12.11 -30.58
N GLY D 57 4.45 10.80 -30.65
CA GLY D 57 5.60 9.93 -30.87
C GLY D 57 5.22 8.48 -30.60
N HIS D 58 6.24 7.65 -30.46
CA HIS D 58 6.05 6.23 -30.20
C HIS D 58 5.84 6.01 -28.70
N SER D 59 5.63 4.77 -28.30
CA SER D 59 5.46 4.41 -26.90
C SER D 59 6.83 4.03 -26.33
N GLY D 60 7.25 4.75 -25.29
CA GLY D 60 8.56 4.52 -24.70
C GLY D 60 9.66 5.37 -25.29
N CYS D 61 9.33 6.41 -26.05
CA CYS D 61 10.34 7.28 -26.64
C CYS D 61 10.79 8.39 -25.70
N GLY D 62 9.93 8.82 -24.79
CA GLY D 62 10.31 9.83 -23.83
C GLY D 62 9.39 11.04 -23.75
N LYS D 63 8.16 10.89 -24.25
CA LYS D 63 7.21 12.01 -24.19
C LYS D 63 6.87 12.37 -22.75
N SER D 64 6.63 11.38 -21.90
CA SER D 64 6.33 11.66 -20.50
C SER D 64 7.55 12.20 -19.77
N THR D 65 8.73 11.68 -20.10
CA THR D 65 9.95 12.16 -19.47
C THR D 65 10.22 13.62 -19.80
N LEU D 66 10.01 14.00 -21.07
CA LEU D 66 10.26 15.38 -21.48
C LEU D 66 9.33 16.35 -20.78
N LEU D 67 8.04 16.01 -20.68
CA LEU D 67 7.08 16.89 -20.03
C LEU D 67 7.18 16.85 -18.51
N ASN D 68 7.82 15.82 -17.95
CA ASN D 68 8.04 15.78 -16.51
C ASN D 68 8.97 16.90 -16.06
N MET D 69 10.00 17.19 -16.86
CA MET D 69 10.94 18.25 -16.50
C MET D 69 10.27 19.62 -16.54
N ILE D 70 9.35 19.83 -17.49
CA ILE D 70 8.63 21.09 -17.54
C ILE D 70 7.73 21.24 -16.32
N SER D 71 7.12 20.15 -15.87
CA SER D 71 6.30 20.18 -14.66
C SER D 71 7.13 20.16 -13.39
N GLY D 72 8.42 19.84 -13.48
CA GLY D 72 9.29 19.81 -12.33
C GLY D 72 9.42 18.46 -11.64
N PHE D 73 8.90 17.39 -12.23
CA PHE D 73 8.97 16.07 -11.62
C PHE D 73 10.23 15.31 -11.98
N ASN D 74 11.07 15.85 -12.86
CA ASN D 74 12.29 15.16 -13.28
C ASN D 74 13.38 16.20 -13.52
N THR D 75 14.48 16.08 -12.79
CA THR D 75 15.61 16.97 -12.99
C THR D 75 16.43 16.48 -14.18
N PRO D 76 16.64 17.30 -15.21
CA PRO D 76 17.44 16.85 -16.36
C PRO D 76 18.87 16.55 -15.95
N SER D 77 19.44 15.51 -16.55
CA SER D 77 20.82 15.14 -16.26
C SER D 77 21.79 16.23 -16.70
N GLU D 78 21.58 16.78 -17.89
CA GLU D 78 22.41 17.86 -18.41
C GLU D 78 21.50 18.80 -19.20
N GLY D 79 21.12 19.91 -18.58
CA GLY D 79 20.25 20.86 -19.23
C GLY D 79 19.48 21.65 -18.19
N VAL D 80 18.66 22.57 -18.70
CA VAL D 80 17.87 23.44 -17.85
C VAL D 80 16.61 23.85 -18.61
N VAL D 81 15.51 24.00 -17.88
CA VAL D 81 14.24 24.44 -18.43
C VAL D 81 13.86 25.74 -17.74
N LEU D 82 13.56 26.76 -18.53
CA LEU D 82 13.25 28.09 -18.01
C LEU D 82 11.81 28.44 -18.31
N LEU D 83 11.11 28.96 -17.31
CA LEU D 83 9.76 29.50 -17.46
C LEU D 83 9.81 30.98 -17.11
N GLN D 84 9.65 31.84 -18.12
CA GLN D 84 9.78 33.29 -17.97
C GLN D 84 11.12 33.66 -17.36
N ASP D 85 12.19 33.14 -17.96
CA ASP D 85 13.57 33.40 -17.54
C ASP D 85 13.79 33.00 -16.08
N LYS D 86 13.21 31.88 -15.68
CA LYS D 86 13.41 31.35 -14.34
C LYS D 86 13.56 29.84 -14.41
N PRO D 87 14.64 29.28 -13.85
CA PRO D 87 14.85 27.83 -13.91
C PRO D 87 13.75 27.08 -13.17
N ILE D 88 13.42 25.90 -13.68
CA ILE D 88 12.39 25.04 -13.09
C ILE D 88 13.08 23.91 -12.34
N THR D 89 12.82 23.81 -11.04
CA THR D 89 13.41 22.76 -10.22
C THR D 89 12.43 22.06 -9.29
N GLU D 90 11.23 22.60 -9.06
CA GLU D 90 10.26 21.99 -8.16
C GLU D 90 8.86 22.16 -8.72
N PRO D 91 8.03 21.12 -8.66
CA PRO D 91 6.68 21.21 -9.22
C PRO D 91 5.84 22.26 -8.49
N GLY D 92 5.00 22.95 -9.24
CA GLY D 92 4.18 24.00 -8.71
C GLY D 92 2.75 23.94 -9.23
N PRO D 93 1.86 24.73 -8.62
CA PRO D 93 0.45 24.71 -9.04
C PRO D 93 0.18 25.53 -10.29
N ASP D 94 1.12 26.37 -10.73
CA ASP D 94 1.00 27.06 -12.00
C ASP D 94 1.44 26.21 -13.17
N ARG D 95 1.90 24.98 -12.91
CA ARG D 95 2.30 24.01 -13.92
C ARG D 95 1.54 22.71 -13.72
N MET D 96 0.22 22.83 -13.55
CA MET D 96 -0.61 21.67 -13.24
C MET D 96 -0.50 20.61 -14.33
N MET D 97 -0.43 19.35 -13.91
CA MET D 97 -0.23 18.22 -14.80
C MET D 97 -1.39 17.24 -14.67
N VAL D 98 -1.79 16.66 -15.80
CA VAL D 98 -2.73 15.55 -15.83
C VAL D 98 -1.90 14.28 -16.00
N PHE D 99 -1.78 13.51 -14.93
CA PHE D 99 -0.93 12.33 -14.94
C PHE D 99 -1.52 11.24 -15.82
N GLN D 100 -0.64 10.45 -16.44
CA GLN D 100 -1.10 9.38 -17.32
C GLN D 100 -1.77 8.26 -16.55
N ASN D 101 -1.43 8.08 -15.28
CA ASN D 101 -2.05 7.06 -14.44
C ASN D 101 -3.24 7.58 -13.65
N TYR D 102 -3.60 8.85 -13.82
CA TYR D 102 -4.76 9.46 -13.16
C TYR D 102 -4.64 9.33 -11.64
N CYS D 103 -3.62 10.00 -11.09
CA CYS D 103 -3.35 9.91 -9.66
C CYS D 103 -4.49 10.56 -8.86
N LEU D 104 -5.34 9.73 -8.26
CA LEU D 104 -6.46 10.18 -7.47
C LEU D 104 -6.38 9.55 -6.09
N LEU D 105 -6.78 10.31 -5.08
CA LEU D 105 -6.73 9.81 -3.71
C LEU D 105 -7.92 8.87 -3.47
N PRO D 106 -7.69 7.60 -3.14
CA PRO D 106 -8.80 6.66 -3.01
C PRO D 106 -9.76 6.98 -1.88
N TRP D 107 -9.32 7.73 -0.86
CA TRP D 107 -10.18 8.01 0.29
C TRP D 107 -11.10 9.21 0.05
N LEU D 108 -10.95 9.91 -1.06
CA LEU D 108 -11.79 11.06 -1.39
C LEU D 108 -12.76 10.70 -2.50
N ASN D 109 -13.84 11.47 -2.58
CA ASN D 109 -14.82 11.30 -3.66
C ASN D 109 -14.34 12.04 -4.90
N VAL D 110 -15.16 11.98 -5.96
CA VAL D 110 -14.89 12.77 -7.15
C VAL D 110 -14.96 14.26 -6.81
N PHE D 111 -15.97 14.65 -6.03
CA PHE D 111 -16.08 16.03 -5.60
C PHE D 111 -14.89 16.45 -4.73
N GLU D 112 -14.49 15.58 -3.79
CA GLU D 112 -13.42 15.92 -2.87
C GLU D 112 -12.06 15.94 -3.57
N ASN D 113 -11.87 15.08 -4.58
CA ASN D 113 -10.61 15.08 -5.32
C ASN D 113 -10.39 16.41 -6.04
N VAL D 114 -11.45 16.93 -6.67
CA VAL D 114 -11.35 18.23 -7.32
C VAL D 114 -11.25 19.34 -6.28
N TYR D 115 -12.01 19.21 -5.19
CA TYR D 115 -12.01 20.25 -4.16
C TYR D 115 -10.65 20.38 -3.49
N LEU D 116 -9.87 19.30 -3.46
CA LEU D 116 -8.55 19.35 -2.85
C LEU D 116 -7.64 20.32 -3.59
N ALA D 117 -7.68 20.29 -4.94
CA ALA D 117 -6.84 21.19 -5.72
C ALA D 117 -7.34 22.62 -5.63
N VAL D 118 -8.65 22.82 -5.63
CA VAL D 118 -9.22 24.17 -5.60
C VAL D 118 -8.84 24.88 -4.30
N ASP D 119 -8.98 24.19 -3.17
CA ASP D 119 -8.69 24.80 -1.88
C ASP D 119 -7.19 25.03 -1.68
N ALA D 120 -6.36 24.16 -2.26
CA ALA D 120 -4.91 24.24 -2.01
C ALA D 120 -4.27 25.40 -2.77
N VAL D 121 -4.72 25.70 -3.98
CA VAL D 121 -4.05 26.70 -4.80
C VAL D 121 -4.54 28.11 -4.54
N PHE D 122 -5.75 28.28 -3.99
CA PHE D 122 -6.24 29.59 -3.55
C PHE D 122 -7.27 29.38 -2.44
N PRO D 123 -6.86 29.60 -1.18
CA PRO D 123 -7.81 29.48 -0.06
C PRO D 123 -8.45 30.78 0.36
N ASN D 124 -8.15 31.90 -0.31
CA ASN D 124 -8.59 33.21 0.17
C ASN D 124 -10.11 33.32 0.20
N LYS D 125 -10.77 32.98 -0.91
CA LYS D 125 -12.21 33.10 -0.97
C LYS D 125 -12.87 32.01 -0.12
N PRO D 126 -14.01 32.31 0.50
CA PRO D 126 -14.65 31.35 1.39
C PRO D 126 -15.42 30.27 0.65
N GLN D 127 -16.13 29.43 1.40
CA GLN D 127 -16.94 28.38 0.80
C GLN D 127 -18.12 28.99 0.03
N ALA D 128 -18.83 28.14 -0.70
CA ALA D 128 -19.95 28.46 -1.59
C ALA D 128 -19.51 29.25 -2.82
N GLU D 129 -18.23 29.62 -2.92
CA GLU D 129 -17.66 30.22 -4.12
C GLU D 129 -16.63 29.31 -4.76
N LYS D 130 -15.68 28.79 -3.98
CA LYS D 130 -14.82 27.72 -4.47
C LYS D 130 -15.57 26.41 -4.59
N ARG D 131 -16.66 26.24 -3.83
CA ARG D 131 -17.51 25.06 -4.00
C ARG D 131 -18.22 25.09 -5.36
N ALA D 132 -18.63 26.27 -5.81
CA ALA D 132 -19.26 26.38 -7.13
C ALA D 132 -18.26 26.11 -8.25
N ILE D 133 -16.99 26.45 -8.03
CA ILE D 133 -15.95 26.16 -9.03
C ILE D 133 -15.83 24.65 -9.23
N VAL D 134 -15.88 23.89 -8.13
CA VAL D 134 -15.82 22.43 -8.23
C VAL D 134 -17.06 21.91 -8.96
N ARG D 135 -18.24 22.43 -8.61
CA ARG D 135 -19.49 21.91 -9.16
C ARG D 135 -19.55 22.11 -10.67
N GLU D 136 -19.11 23.28 -11.15
CA GLU D 136 -19.21 23.57 -12.58
C GLU D 136 -18.21 22.75 -13.38
N HIS D 137 -17.07 22.40 -12.78
CA HIS D 137 -16.07 21.63 -13.52
C HIS D 137 -16.46 20.15 -13.60
N LEU D 138 -17.15 19.64 -12.58
CA LEU D 138 -17.69 18.28 -12.67
C LEU D 138 -18.76 18.20 -13.75
N ALA D 139 -19.59 19.23 -13.87
CA ALA D 139 -20.58 19.26 -14.93
C ALA D 139 -19.94 19.43 -16.30
N MET D 140 -18.79 20.11 -16.35
CA MET D 140 -18.10 20.30 -17.62
C MET D 140 -17.63 18.97 -18.20
N VAL D 141 -17.08 18.09 -17.36
CA VAL D 141 -16.66 16.78 -17.83
C VAL D 141 -17.81 15.79 -17.85
N GLY D 142 -18.91 16.09 -17.16
CA GLY D 142 -20.08 15.24 -17.16
C GLY D 142 -20.23 14.32 -15.97
N LEU D 143 -19.37 14.44 -14.96
CA LEU D 143 -19.47 13.61 -13.77
C LEU D 143 -20.31 14.31 -12.69
N THR D 144 -21.51 14.74 -13.10
CA THR D 144 -22.42 15.36 -12.15
C THR D 144 -23.04 14.32 -11.22
N GLU D 145 -23.48 13.19 -11.79
CA GLU D 145 -24.05 12.12 -10.97
C GLU D 145 -22.99 11.44 -10.12
N ALA D 146 -21.77 11.31 -10.64
CA ALA D 146 -20.68 10.68 -9.92
C ALA D 146 -19.91 11.75 -9.16
N ALA D 147 -20.50 12.18 -8.05
CA ALA D 147 -19.87 13.18 -7.19
C ALA D 147 -19.77 12.73 -5.73
N GLU D 148 -20.28 11.54 -5.39
CA GLU D 148 -20.22 11.04 -4.03
C GLU D 148 -19.58 9.66 -3.95
N LYS D 149 -18.95 9.20 -5.02
CA LYS D 149 -18.36 7.86 -5.07
C LYS D 149 -16.84 7.94 -5.16
N LYS D 150 -16.18 6.97 -4.54
CA LYS D 150 -14.73 6.88 -4.53
C LYS D 150 -14.20 6.43 -5.88
N PRO D 151 -12.91 6.63 -6.14
CA PRO D 151 -12.34 6.15 -7.42
C PRO D 151 -12.52 4.65 -7.64
N SER D 152 -12.59 3.86 -6.57
CA SER D 152 -12.85 2.43 -6.72
C SER D 152 -14.24 2.14 -7.24
N GLN D 153 -15.15 3.11 -7.21
CA GLN D 153 -16.52 2.93 -7.67
C GLN D 153 -16.78 3.61 -9.01
N ILE D 154 -15.74 4.08 -9.70
CA ILE D 154 -15.88 4.71 -11.00
C ILE D 154 -14.99 3.98 -11.99
N SER D 155 -15.31 4.15 -13.28
CA SER D 155 -14.60 3.47 -14.35
C SER D 155 -13.32 4.21 -14.70
N GLY D 156 -12.53 3.61 -15.60
CA GLY D 156 -11.26 4.22 -15.99
C GLY D 156 -11.44 5.55 -16.69
N GLY D 157 -12.39 5.62 -17.61
CA GLY D 157 -12.68 6.88 -18.28
C GLY D 157 -13.21 7.94 -17.33
N MET D 158 -14.01 7.53 -16.34
CA MET D 158 -14.49 8.48 -15.35
C MET D 158 -13.36 8.93 -14.44
N LYS D 159 -12.39 8.04 -14.18
CA LYS D 159 -11.19 8.45 -13.45
C LYS D 159 -10.43 9.52 -14.23
N GLN D 160 -10.38 9.38 -15.55
CA GLN D 160 -9.67 10.35 -16.38
C GLN D 160 -10.27 11.73 -16.26
N ARG D 161 -11.61 11.81 -16.24
CA ARG D 161 -12.28 13.11 -16.22
C ARG D 161 -12.15 13.79 -14.86
N VAL D 162 -11.94 13.02 -13.79
CA VAL D 162 -11.67 13.63 -12.49
C VAL D 162 -10.34 14.38 -12.53
N ALA D 163 -9.32 13.77 -13.14
CA ALA D 163 -8.04 14.44 -13.29
C ALA D 163 -8.14 15.67 -14.17
N ILE D 164 -8.94 15.59 -15.23
CA ILE D 164 -9.15 16.76 -16.11
C ILE D 164 -9.85 17.87 -15.35
N ALA D 165 -10.91 17.54 -14.62
CA ALA D 165 -11.62 18.54 -13.83
C ALA D 165 -10.73 19.12 -12.74
N ARG D 166 -9.89 18.26 -12.12
CA ARG D 166 -8.97 18.74 -11.10
C ARG D 166 -7.97 19.73 -11.67
N ALA D 167 -7.47 19.47 -12.88
CA ALA D 167 -6.50 20.37 -13.49
C ALA D 167 -7.16 21.65 -13.99
N LEU D 168 -8.34 21.54 -14.62
CA LEU D 168 -8.98 22.71 -15.19
C LEU D 168 -9.48 23.67 -14.12
N SER D 169 -9.83 23.15 -12.94
CA SER D 169 -10.33 24.01 -11.88
C SER D 169 -9.28 25.00 -11.39
N ILE D 170 -8.02 24.57 -11.31
CA ILE D 170 -6.95 25.47 -10.89
C ILE D 170 -6.75 26.58 -11.92
N ARG D 171 -6.91 26.26 -13.21
CA ARG D 171 -6.64 27.17 -14.32
C ARG D 171 -5.20 27.66 -14.22
N PRO D 172 -4.22 26.79 -14.46
CA PRO D 172 -2.82 27.16 -14.24
C PRO D 172 -2.31 28.03 -15.38
N GLN D 173 -1.12 28.61 -15.16
CA GLN D 173 -0.48 29.41 -16.19
C GLN D 173 -0.12 28.56 -17.41
N VAL D 174 0.36 27.34 -17.18
CA VAL D 174 0.68 26.40 -18.24
C VAL D 174 0.08 25.05 -17.89
N LEU D 175 -0.55 24.41 -18.87
CA LEU D 175 -1.17 23.11 -18.71
C LEU D 175 -0.29 22.04 -19.34
N ILE D 176 -0.10 20.94 -18.62
CA ILE D 176 0.67 19.80 -19.11
C ILE D 176 -0.26 18.60 -19.06
N LEU D 177 -0.54 18.01 -20.22
CA LEU D 177 -1.44 16.87 -20.33
C LEU D 177 -0.69 15.68 -20.88
N ASP D 178 -0.82 14.54 -20.20
CA ASP D 178 -0.19 13.28 -20.61
C ASP D 178 -1.30 12.31 -21.00
N GLN D 179 -1.69 12.37 -22.27
CA GLN D 179 -2.78 11.56 -22.83
C GLN D 179 -4.04 11.73 -21.99
N PRO D 180 -4.66 12.92 -21.99
CA PRO D 180 -5.82 13.16 -21.13
C PRO D 180 -7.14 12.62 -21.67
N PHE D 181 -7.15 12.09 -22.89
CA PHE D 181 -8.39 11.58 -23.47
C PHE D 181 -8.21 10.15 -23.98
N GLY D 182 -7.30 9.39 -23.37
CA GLY D 182 -7.01 8.05 -23.85
C GLY D 182 -8.17 7.08 -23.69
N ALA D 183 -8.84 7.13 -22.53
CA ALA D 183 -9.88 6.15 -22.18
C ALA D 183 -11.28 6.73 -22.32
N LEU D 184 -11.52 7.56 -23.34
CA LEU D 184 -12.83 8.15 -23.58
C LEU D 184 -13.33 7.77 -24.96
N ASP D 185 -14.65 7.64 -25.09
CA ASP D 185 -15.26 7.32 -26.36
C ASP D 185 -15.19 8.53 -27.29
N ALA D 186 -15.56 8.29 -28.56
CA ALA D 186 -15.42 9.33 -29.58
C ALA D 186 -16.27 10.54 -29.25
N ILE D 187 -17.50 10.33 -28.79
CA ILE D 187 -18.39 11.44 -28.47
C ILE D 187 -17.87 12.22 -27.26
N THR D 188 -17.50 11.50 -26.20
CA THR D 188 -17.02 12.17 -25.00
C THR D 188 -15.68 12.85 -25.22
N LYS D 189 -14.78 12.19 -25.96
CA LYS D 189 -13.48 12.78 -26.23
C LYS D 189 -13.60 14.07 -27.02
N GLU D 190 -14.44 14.07 -28.06
CA GLU D 190 -14.61 15.25 -28.89
C GLU D 190 -15.27 16.39 -28.10
N GLU D 191 -16.21 16.04 -27.21
CA GLU D 191 -16.85 17.05 -26.38
C GLU D 191 -15.84 17.74 -25.46
N LEU D 192 -14.93 16.97 -24.88
CA LEU D 192 -13.95 17.55 -23.96
C LEU D 192 -12.89 18.34 -24.70
N GLN D 193 -12.61 17.98 -25.96
CA GLN D 193 -11.65 18.76 -26.75
C GLN D 193 -12.15 20.19 -26.96
N GLU D 194 -13.43 20.33 -27.28
CA GLU D 194 -14.00 21.67 -27.46
C GLU D 194 -13.99 22.44 -26.15
N GLU D 195 -14.32 21.79 -25.04
CA GLU D 195 -14.27 22.47 -23.74
C GLU D 195 -12.85 22.86 -23.37
N LEU D 196 -11.88 22.00 -23.67
CA LEU D 196 -10.48 22.34 -23.41
C LEU D 196 -10.05 23.54 -24.25
N LEU D 197 -10.47 23.60 -25.51
CA LEU D 197 -10.18 24.75 -26.35
C LEU D 197 -10.84 26.03 -25.87
N GLN D 198 -12.09 25.94 -25.39
CA GLN D 198 -12.81 27.12 -24.93
C GLN D 198 -12.11 27.77 -23.74
N ILE D 199 -11.69 26.97 -22.76
CA ILE D 199 -10.97 27.53 -21.62
C ILE D 199 -9.54 27.91 -21.98
N TRP D 200 -9.00 27.34 -23.06
CA TRP D 200 -7.66 27.69 -23.49
C TRP D 200 -7.62 29.10 -24.10
N SER D 201 -8.68 29.50 -24.81
CA SER D 201 -8.72 30.82 -25.43
C SER D 201 -9.19 31.91 -24.48
N ASP D 202 -10.12 31.59 -23.56
CA ASP D 202 -10.63 32.59 -22.64
C ASP D 202 -9.60 33.04 -21.61
N HIS D 203 -8.47 32.34 -21.50
CA HIS D 203 -7.41 32.70 -20.57
C HIS D 203 -6.07 32.64 -21.31
N GLN D 204 -4.99 32.84 -20.55
CA GLN D 204 -3.63 32.77 -21.09
C GLN D 204 -2.97 31.43 -20.84
N VAL D 205 -3.76 30.35 -20.86
CA VAL D 205 -3.22 29.02 -20.57
C VAL D 205 -2.41 28.52 -21.76
N THR D 206 -1.20 28.06 -21.47
CA THR D 206 -0.33 27.40 -22.45
C THR D 206 -0.46 25.90 -22.21
N VAL D 207 -0.85 25.17 -23.24
CA VAL D 207 -1.12 23.74 -23.08
C VAL D 207 -0.02 22.93 -23.77
N LEU D 208 0.62 22.06 -22.99
CA LEU D 208 1.54 21.05 -23.52
C LEU D 208 0.85 19.71 -23.41
N MET D 209 0.52 19.11 -24.56
CA MET D 209 -0.36 17.96 -24.62
C MET D 209 0.35 16.80 -25.29
N ILE D 210 0.13 15.60 -24.78
CA ILE D 210 0.66 14.37 -25.36
C ILE D 210 -0.50 13.59 -25.94
N THR D 211 -0.40 13.24 -27.22
CA THR D 211 -1.47 12.53 -27.91
C THR D 211 -0.89 11.37 -28.70
N HIS D 212 -1.62 10.25 -28.71
CA HIS D 212 -1.32 9.14 -29.59
C HIS D 212 -2.26 9.10 -30.80
N ASP D 213 -3.14 10.09 -30.93
CA ASP D 213 -4.06 10.19 -32.05
C ASP D 213 -3.65 11.38 -32.92
N ILE D 214 -3.40 11.11 -34.21
CA ILE D 214 -2.96 12.17 -35.11
C ILE D 214 -4.08 13.15 -35.38
N ASP D 215 -5.32 12.64 -35.54
CA ASP D 215 -6.46 13.52 -35.76
C ASP D 215 -6.69 14.47 -34.60
N GLU D 216 -6.32 14.07 -33.39
CA GLU D 216 -6.48 14.91 -32.20
C GLU D 216 -5.47 16.05 -32.15
N ALA D 217 -4.20 15.76 -32.48
CA ALA D 217 -3.17 16.78 -32.39
C ALA D 217 -3.40 17.91 -33.40
N LEU D 218 -3.80 17.55 -34.62
CA LEU D 218 -3.98 18.57 -35.65
C LEU D 218 -5.18 19.47 -35.35
N PHE D 219 -6.19 18.93 -34.68
CA PHE D 219 -7.38 19.72 -34.38
C PHE D 219 -7.12 20.75 -33.29
N LEU D 220 -6.19 20.48 -32.38
CA LEU D 220 -5.96 21.33 -31.21
C LEU D 220 -4.69 22.15 -31.29
N ALA D 221 -3.57 21.52 -31.63
CA ALA D 221 -2.26 22.15 -31.48
C ALA D 221 -2.01 23.20 -32.54
N ASP D 222 -1.32 24.27 -32.13
CA ASP D 222 -0.74 25.21 -33.09
C ASP D 222 0.52 24.63 -33.73
N ARG D 223 1.30 23.89 -32.95
CA ARG D 223 2.49 23.20 -33.44
C ARG D 223 2.48 21.76 -32.94
N VAL D 224 2.92 20.85 -33.81
CA VAL D 224 2.97 19.43 -33.48
C VAL D 224 4.44 19.01 -33.44
N VAL D 225 4.86 18.42 -32.34
CA VAL D 225 6.24 18.02 -32.13
C VAL D 225 6.31 16.50 -32.09
N MET D 226 7.22 15.93 -32.89
CA MET D 226 7.45 14.50 -32.90
C MET D 226 8.85 14.21 -32.38
N MET D 227 8.99 13.12 -31.64
CA MET D 227 10.27 12.66 -31.12
C MET D 227 10.63 11.31 -31.72
N THR D 228 11.90 11.13 -32.05
CA THR D 228 12.36 9.85 -32.58
C THR D 228 12.26 8.77 -31.51
N ASN D 229 12.07 7.54 -31.96
CA ASN D 229 11.94 6.42 -31.05
C ASN D 229 13.31 5.92 -30.60
N GLY D 230 13.32 4.99 -29.65
CA GLY D 230 14.53 4.39 -29.17
C GLY D 230 15.30 5.27 -28.21
N PRO D 231 16.45 4.80 -27.76
CA PRO D 231 17.28 5.61 -26.85
C PRO D 231 17.84 6.84 -27.54
N ALA D 232 18.18 7.83 -26.71
CA ALA D 232 18.71 9.11 -27.17
C ALA D 232 17.73 9.78 -28.14
N ALA D 233 16.53 10.04 -27.64
CA ALA D 233 15.47 10.61 -28.45
C ALA D 233 15.57 12.13 -28.49
N GLN D 234 15.58 12.68 -29.69
CA GLN D 234 15.62 14.12 -29.90
C GLN D 234 14.42 14.54 -30.74
N ILE D 235 14.13 15.84 -30.72
CA ILE D 235 13.02 16.38 -31.49
C ILE D 235 13.36 16.35 -32.97
N GLY D 236 12.48 15.78 -33.77
CA GLY D 236 12.67 15.73 -35.21
C GLY D 236 11.42 16.12 -35.98
N GLU D 237 11.58 17.04 -36.93
CA GLU D 237 10.50 17.47 -37.82
C GLU D 237 9.32 18.04 -37.03
N ILE D 238 9.56 19.18 -36.40
CA ILE D 238 8.49 19.95 -35.79
C ILE D 238 7.66 20.62 -36.90
N LEU D 239 6.35 20.55 -36.77
CA LEU D 239 5.43 21.11 -37.75
C LEU D 239 4.68 22.32 -37.19
N ASP D 240 4.04 23.04 -38.10
CA ASP D 240 3.14 24.13 -37.76
C ASP D 240 1.75 23.78 -38.31
N ILE D 241 0.72 24.25 -37.60
CA ILE D 241 -0.65 23.92 -37.97
C ILE D 241 -1.37 25.19 -38.39
N PRO D 242 -1.41 25.50 -39.68
CA PRO D 242 -2.03 26.76 -40.18
C PRO D 242 -3.53 26.67 -40.46
N PHE D 243 -4.33 26.73 -39.40
CA PHE D 243 -5.77 26.77 -39.51
C PHE D 243 -6.31 27.95 -38.72
N ASP D 244 -7.53 28.36 -39.07
CA ASP D 244 -8.18 29.44 -38.36
C ASP D 244 -8.37 29.06 -36.90
N ARG D 245 -8.22 30.05 -36.01
CA ARG D 245 -8.19 29.76 -34.58
C ARG D 245 -9.45 29.07 -34.07
N PRO D 246 -10.68 29.51 -34.41
CA PRO D 246 -11.86 28.75 -33.97
C PRO D 246 -12.05 27.48 -34.76
N ARG D 247 -11.17 26.49 -34.54
CA ARG D 247 -11.26 25.24 -35.27
C ARG D 247 -12.53 24.48 -34.91
N ASN D 248 -13.16 23.90 -35.92
CA ASN D 248 -14.36 23.08 -35.72
C ASN D 248 -14.23 21.81 -36.53
N ARG D 249 -14.84 20.74 -36.02
CA ARG D 249 -14.85 19.48 -36.75
C ARG D 249 -15.79 19.56 -37.94
N ARG D 250 -15.61 18.62 -38.87
CA ARG D 250 -16.32 18.51 -40.14
C ARG D 250 -15.97 19.66 -41.09
N ARG D 251 -15.11 20.58 -40.69
CA ARG D 251 -14.65 21.67 -41.53
C ARG D 251 -13.13 21.74 -41.62
N ILE D 252 -12.42 21.42 -40.53
CA ILE D 252 -10.97 21.41 -40.58
C ILE D 252 -10.47 20.29 -41.49
N MET D 253 -11.22 19.19 -41.60
CA MET D 253 -10.87 18.14 -42.54
C MET D 253 -11.14 18.55 -43.98
N GLU D 254 -12.01 19.53 -44.21
CA GLU D 254 -12.34 19.94 -45.57
C GLU D 254 -11.21 20.75 -46.19
N ASP D 255 -10.40 21.43 -45.37
CA ASP D 255 -9.34 22.27 -45.89
C ASP D 255 -8.27 21.43 -46.57
N PRO D 256 -7.67 21.93 -47.66
CA PRO D 256 -6.57 21.18 -48.29
C PRO D 256 -5.36 21.02 -47.39
N LYS D 257 -5.19 21.88 -46.40
CA LYS D 257 -4.09 21.74 -45.45
C LYS D 257 -4.21 20.52 -44.57
N TYR D 258 -5.37 19.86 -44.57
CA TYR D 258 -5.54 18.58 -43.91
C TYR D 258 -5.40 17.45 -44.92
N TYR D 259 -5.28 16.22 -44.42
CA TYR D 259 -5.08 15.01 -45.21
C TYR D 259 -3.76 15.01 -45.97
N ASP D 260 -2.90 16.00 -45.74
CA ASP D 260 -1.51 15.95 -46.16
C ASP D 260 -0.55 16.21 -45.00
N LEU D 261 -0.93 17.07 -44.05
CA LEU D 261 -0.20 17.16 -42.79
C LEU D 261 -0.37 15.88 -41.99
N ARG D 262 -1.56 15.27 -42.05
CA ARG D 262 -1.83 14.07 -41.27
C ARG D 262 -0.93 12.91 -41.70
N ASN D 263 -0.91 12.59 -43.00
CA ASN D 263 -0.06 11.51 -43.47
C ASN D 263 1.41 11.86 -43.38
N TYR D 264 1.75 13.15 -43.30
CA TYR D 264 3.13 13.52 -43.00
C TYR D 264 3.52 13.07 -41.60
N ALA D 265 2.59 13.22 -40.64
CA ALA D 265 2.84 12.71 -39.29
C ALA D 265 2.88 11.19 -39.28
N LEU D 266 1.98 10.54 -40.02
CA LEU D 266 2.02 9.08 -40.12
C LEU D 266 3.30 8.61 -40.79
N ASP D 267 3.79 9.37 -41.77
CA ASP D 267 5.03 9.00 -42.44
C ASP D 267 6.20 8.98 -41.47
N PHE D 268 6.31 9.99 -40.62
CA PHE D 268 7.40 10.02 -39.64
C PHE D 268 7.27 8.89 -38.63
N LEU D 269 6.05 8.62 -38.17
CA LEU D 269 5.84 7.56 -37.18
C LEU D 269 6.22 6.20 -37.74
N PHE D 270 5.85 5.92 -38.98
CA PHE D 270 6.19 4.65 -39.60
C PHE D 270 7.66 4.57 -39.99
N ASN D 271 8.28 5.71 -40.30
CA ASN D 271 9.68 5.71 -40.69
C ASN D 271 10.61 5.51 -39.50
N ARG D 272 10.18 5.92 -38.30
CA ARG D 272 11.03 5.79 -37.12
C ARG D 272 11.24 4.34 -36.72
N PHE D 273 10.39 3.43 -37.17
CA PHE D 273 10.56 2.02 -36.85
C PHE D 273 11.86 1.49 -37.44
N ALA D 274 12.62 0.75 -36.62
CA ALA D 274 13.90 0.17 -37.02
C ALA D 274 14.86 1.23 -37.56
#